data_7UX8
#
_entry.id   7UX8
#
_cell.length_a   60.837
_cell.length_b   87.167
_cell.length_c   134.910
_cell.angle_alpha   90.00
_cell.angle_beta   90.00
_cell.angle_gamma   90.00
#
_symmetry.space_group_name_H-M   'P 21 21 21'
#
loop_
_entity.id
_entity.type
_entity.pdbx_description
1 polymer MfnG
2 non-polymer S-ADENOSYL-L-HOMOCYSTEINE
3 non-polymer TYROSINE
4 non-polymer 'UNKNOWN LIGAND'
5 water water
#
_entity_poly.entity_id   1
_entity_poly.type   'polypeptide(L)'
_entity_poly.pdbx_seq_one_letter_code
;MVTPEGNVSLVDESLLVGVTDEDRAVRSAHQFYERLIGLWAPAVMEAAHELGVFAALAEAPADSGELARRLDCDARAMRV
LLDALYAYDVIDRIHDTNGFRYLLSAEARECLLPGTLFSLVGKFMHDINVAWPAWRNLAEVVRHGARDTSGAESPNGIAQ
EDYESLVGGINFWAPPIVTTLSRKLRASGRSGDATASVLDVGCGTGLYSQLLLREFPRWTATGLDVERIATLANAQALRL
GVEERFATRAGDFWRGGWGTGYDLVLFANIFHLQTPASAVRLMRHAAACLAPDGLVAVVDQIVDADREPKTPQDRFALLF
AASMTNTGGGDAYTFQEYEEWFTAAGLQRIETLDTPMHRILLARRATEPSAVPEGQASENLYFQ
;
_entity_poly.pdbx_strand_id   A,B
#
# COMPACT_ATOMS: atom_id res chain seq x y z
N ASN A 7 0.77 11.49 -13.73
CA ASN A 7 0.43 11.01 -12.39
C ASN A 7 1.43 9.95 -11.93
N VAL A 8 1.13 9.31 -10.81
CA VAL A 8 1.98 8.24 -10.27
C VAL A 8 1.25 6.90 -10.31
N SER A 9 0.27 6.75 -11.18
CA SER A 9 -0.41 5.47 -11.31
C SER A 9 0.58 4.41 -11.79
N LEU A 10 0.31 3.17 -11.40
CA LEU A 10 1.08 2.03 -11.86
C LEU A 10 0.34 1.21 -12.90
N VAL A 11 -0.86 1.63 -13.27
CA VAL A 11 -1.67 0.96 -14.29
C VAL A 11 -2.07 2.01 -15.31
N ASP A 12 -1.88 1.70 -16.59
CA ASP A 12 -2.37 2.57 -17.66
C ASP A 12 -3.83 2.23 -17.89
N GLU A 13 -4.70 2.91 -17.14
CA GLU A 13 -6.13 2.58 -17.15
C GLU A 13 -6.80 2.94 -18.47
N SER A 14 -6.18 3.80 -19.29
CA SER A 14 -6.72 4.09 -20.61
C SER A 14 -6.75 2.85 -21.50
N LEU A 15 -5.99 1.82 -21.15
CA LEU A 15 -5.91 0.59 -21.92
C LEU A 15 -6.79 -0.52 -21.38
N LEU A 16 -7.61 -0.22 -20.36
CA LEU A 16 -8.58 -1.16 -19.82
C LEU A 16 -9.99 -0.76 -20.22
N VAL A 17 -10.76 -1.72 -20.74
CA VAL A 17 -12.15 -1.48 -21.10
C VAL A 17 -13.05 -1.85 -19.93
N GLY A 18 -14.31 -1.42 -19.96
CA GLY A 18 -15.16 -1.47 -18.78
C GLY A 18 -16.65 -1.65 -19.01
N VAL A 19 -17.03 -2.39 -20.06
CA VAL A 19 -18.43 -2.57 -20.44
C VAL A 19 -18.96 -3.93 -20.06
N THR A 20 -18.35 -4.99 -20.61
CA THR A 20 -18.83 -6.34 -20.37
C THR A 20 -18.47 -6.82 -18.96
N ASP A 21 -19.10 -7.92 -18.56
CA ASP A 21 -18.80 -8.50 -17.25
C ASP A 21 -17.32 -8.88 -17.17
N GLU A 22 -16.78 -9.42 -18.25
N GLU A 22 -16.78 -9.44 -18.24
CA GLU A 22 -15.37 -9.78 -18.28
CA GLU A 22 -15.35 -9.77 -18.27
C GLU A 22 -14.47 -8.54 -18.26
C GLU A 22 -14.49 -8.52 -18.23
N ASP A 23 -14.82 -7.52 -19.06
CA ASP A 23 -14.10 -6.27 -19.04
C ASP A 23 -13.97 -5.77 -17.62
N ARG A 24 -15.11 -5.73 -16.93
CA ARG A 24 -15.17 -5.11 -15.62
C ARG A 24 -14.45 -5.95 -14.57
N ALA A 25 -14.50 -7.28 -14.68
CA ALA A 25 -13.71 -8.11 -13.78
C ALA A 25 -12.21 -7.88 -13.98
N VAL A 26 -11.77 -7.81 -15.24
CA VAL A 26 -10.35 -7.58 -15.51
C VAL A 26 -9.93 -6.20 -15.00
N ARG A 27 -10.77 -5.19 -15.22
CA ARG A 27 -10.44 -3.84 -14.75
C ARG A 27 -10.34 -3.82 -13.22
N SER A 28 -11.31 -4.41 -12.54
N SER A 28 -11.31 -4.44 -12.56
CA SER A 28 -11.25 -4.51 -11.08
CA SER A 28 -11.28 -4.55 -11.11
C SER A 28 -9.99 -5.24 -10.63
C SER A 28 -10.03 -5.27 -10.62
N ALA A 29 -9.63 -6.32 -11.33
CA ALA A 29 -8.46 -7.08 -10.92
C ALA A 29 -7.19 -6.25 -11.00
N HIS A 30 -7.06 -5.44 -12.05
CA HIS A 30 -5.90 -4.54 -12.14
C HIS A 30 -5.91 -3.52 -11.00
N GLN A 31 -7.07 -2.99 -10.65
N GLN A 31 -7.07 -2.95 -10.72
CA GLN A 31 -7.14 -2.02 -9.58
CA GLN A 31 -7.22 -2.03 -9.59
C GLN A 31 -6.86 -2.65 -8.22
C GLN A 31 -6.78 -2.70 -8.30
N PHE A 32 -7.31 -3.89 -8.03
CA PHE A 32 -7.01 -4.58 -6.78
C PHE A 32 -5.53 -4.94 -6.71
N TYR A 33 -4.95 -5.38 -7.84
CA TYR A 33 -3.53 -5.68 -7.89
C TYR A 33 -2.69 -4.45 -7.56
N GLU A 34 -3.04 -3.29 -8.13
CA GLU A 34 -2.33 -2.06 -7.81
C GLU A 34 -2.36 -1.79 -6.31
N ARG A 35 -3.51 -2.06 -5.67
N ARG A 35 -3.51 -2.01 -5.66
CA ARG A 35 -3.61 -1.86 -4.23
CA ARG A 35 -3.54 -1.83 -4.21
C ARG A 35 -2.77 -2.87 -3.46
C ARG A 35 -2.64 -2.84 -3.53
N LEU A 36 -2.68 -4.10 -3.97
CA LEU A 36 -1.91 -5.14 -3.30
C LEU A 36 -0.41 -4.82 -3.33
N ILE A 37 0.09 -4.30 -4.46
CA ILE A 37 1.53 -4.03 -4.60
C ILE A 37 1.92 -2.76 -3.86
N GLY A 38 0.99 -2.13 -3.15
CA GLY A 38 1.34 -1.10 -2.19
C GLY A 38 2.27 -1.61 -1.11
N LEU A 39 2.29 -2.93 -0.91
CA LEU A 39 3.25 -3.62 -0.04
C LEU A 39 4.68 -3.20 -0.33
N TRP A 40 4.98 -3.01 -1.61
CA TRP A 40 6.37 -2.87 -2.04
C TRP A 40 6.98 -1.57 -1.58
N ALA A 41 6.19 -0.49 -1.47
CA ALA A 41 6.78 0.82 -1.17
C ALA A 41 7.39 0.87 0.22
N PRO A 42 6.66 0.55 1.30
CA PRO A 42 7.34 0.52 2.60
C PRO A 42 8.50 -0.46 2.62
N ALA A 43 8.38 -1.59 1.94
CA ALA A 43 9.49 -2.54 1.93
C ALA A 43 10.73 -1.90 1.34
N VAL A 44 10.57 -1.18 0.23
CA VAL A 44 11.72 -0.54 -0.40
C VAL A 44 12.25 0.61 0.43
N MET A 45 11.35 1.46 0.94
CA MET A 45 11.80 2.63 1.70
C MET A 45 12.44 2.24 3.02
N GLU A 46 11.87 1.25 3.71
CA GLU A 46 12.41 0.82 5.00
C GLU A 46 13.70 0.03 4.84
N ALA A 47 13.82 -0.82 3.80
CA ALA A 47 15.11 -1.42 3.50
C ALA A 47 16.19 -0.37 3.24
N ALA A 48 15.86 0.66 2.46
CA ALA A 48 16.82 1.72 2.17
C ALA A 48 17.26 2.41 3.45
N HIS A 49 16.33 2.68 4.36
CA HIS A 49 16.69 3.21 5.66
C HIS A 49 17.67 2.29 6.39
N GLU A 50 17.37 0.99 6.43
CA GLU A 50 18.22 0.05 7.16
C GLU A 50 19.63 0.02 6.58
N LEU A 51 19.74 0.18 5.26
CA LEU A 51 21.01 0.13 4.57
C LEU A 51 21.79 1.43 4.65
N GLY A 52 21.17 2.50 5.13
CA GLY A 52 21.84 3.80 5.21
C GLY A 52 21.79 4.63 3.95
N VAL A 53 20.85 4.34 3.04
CA VAL A 53 20.81 5.01 1.74
C VAL A 53 20.57 6.51 1.89
N PHE A 54 19.61 6.90 2.72
CA PHE A 54 19.21 8.31 2.75
C PHE A 54 20.31 9.18 3.36
N ALA A 55 20.88 8.73 4.49
CA ALA A 55 21.98 9.48 5.08
C ALA A 55 23.15 9.57 4.11
N ALA A 56 23.42 8.51 3.36
CA ALA A 56 24.55 8.54 2.44
C ALA A 56 24.31 9.51 1.28
N LEU A 57 23.11 9.48 0.69
CA LEU A 57 22.83 10.40 -0.41
C LEU A 57 22.86 11.85 0.05
N ALA A 58 22.42 12.12 1.28
CA ALA A 58 22.45 13.48 1.79
C ALA A 58 23.88 13.98 1.97
N GLU A 59 24.79 13.07 2.36
CA GLU A 59 26.18 13.43 2.56
C GLU A 59 26.89 13.68 1.24
N ALA A 60 26.60 12.85 0.24
CA ALA A 60 27.23 12.99 -1.07
C ALA A 60 26.37 12.28 -2.11
N PRO A 61 25.74 13.02 -3.01
CA PRO A 61 25.05 12.41 -4.13
C PRO A 61 25.96 11.45 -4.89
N ALA A 62 25.37 10.38 -5.42
CA ALA A 62 26.16 9.35 -6.06
C ALA A 62 25.29 8.57 -7.03
N ASP A 63 25.95 7.98 -8.02
CA ASP A 63 25.32 6.94 -8.82
C ASP A 63 25.20 5.66 -8.00
N SER A 64 24.48 4.69 -8.57
N SER A 64 24.47 4.70 -8.56
CA SER A 64 24.16 3.48 -7.83
CA SER A 64 24.17 3.49 -7.79
C SER A 64 25.42 2.69 -7.48
C SER A 64 25.42 2.69 -7.47
N GLY A 65 26.38 2.64 -8.39
CA GLY A 65 27.59 1.88 -8.11
C GLY A 65 28.42 2.49 -7.00
N GLU A 66 28.50 3.82 -6.96
CA GLU A 66 29.23 4.49 -5.88
C GLU A 66 28.51 4.32 -4.55
N LEU A 67 27.19 4.43 -4.54
CA LEU A 67 26.48 4.20 -3.29
C LEU A 67 26.65 2.75 -2.84
N ALA A 68 26.62 1.82 -3.78
CA ALA A 68 26.82 0.42 -3.41
C ALA A 68 28.19 0.22 -2.75
N ARG A 69 29.22 0.88 -3.31
CA ARG A 69 30.55 0.79 -2.72
C ARG A 69 30.56 1.34 -1.30
N ARG A 70 29.97 2.52 -1.11
CA ARG A 70 29.99 3.18 0.19
C ARG A 70 29.18 2.44 1.25
N LEU A 71 28.14 1.71 0.84
CA LEU A 71 27.26 1.01 1.75
C LEU A 71 27.50 -0.49 1.78
N ASP A 72 28.56 -0.98 1.13
CA ASP A 72 28.89 -2.41 1.12
C ASP A 72 27.74 -3.27 0.61
N CYS A 73 27.17 -2.87 -0.53
CA CYS A 73 26.09 -3.58 -1.18
C CYS A 73 26.45 -4.00 -2.61
N ASP A 74 25.63 -4.89 -3.15
CA ASP A 74 25.78 -5.31 -4.53
C ASP A 74 25.36 -4.18 -5.46
N ALA A 75 26.14 -3.95 -6.52
CA ALA A 75 25.89 -2.82 -7.40
C ALA A 75 24.56 -2.94 -8.14
N ARG A 76 24.28 -4.11 -8.73
CA ARG A 76 23.02 -4.26 -9.47
C ARG A 76 21.81 -4.12 -8.54
N ALA A 77 21.85 -4.78 -7.37
CA ALA A 77 20.72 -4.70 -6.45
C ALA A 77 20.53 -3.28 -5.94
N MET A 78 21.61 -2.53 -5.75
CA MET A 78 21.47 -1.14 -5.34
C MET A 78 20.84 -0.31 -6.45
N ARG A 79 21.22 -0.55 -7.71
CA ARG A 79 20.55 0.11 -8.82
C ARG A 79 19.05 -0.16 -8.77
N VAL A 80 18.67 -1.42 -8.57
CA VAL A 80 17.26 -1.78 -8.49
C VAL A 80 16.57 -1.01 -7.36
N LEU A 81 17.18 -0.98 -6.17
CA LEU A 81 16.57 -0.30 -5.03
C LEU A 81 16.43 1.20 -5.27
N LEU A 82 17.51 1.84 -5.76
CA LEU A 82 17.47 3.28 -5.94
C LEU A 82 16.50 3.67 -7.06
N ASP A 83 16.46 2.90 -8.15
CA ASP A 83 15.51 3.21 -9.21
C ASP A 83 14.08 3.04 -8.73
N ALA A 84 13.83 2.07 -7.84
CA ALA A 84 12.50 1.94 -7.25
C ALA A 84 12.15 3.17 -6.40
N LEU A 85 13.09 3.61 -5.56
CA LEU A 85 12.87 4.84 -4.80
C LEU A 85 12.59 6.02 -5.73
N TYR A 86 13.29 6.08 -6.86
CA TYR A 86 13.04 7.13 -7.84
C TYR A 86 11.65 7.01 -8.44
N ALA A 87 11.20 5.80 -8.74
CA ALA A 87 9.84 5.58 -9.24
C ALA A 87 8.77 6.03 -8.22
N TYR A 88 9.07 5.96 -6.94
CA TYR A 88 8.20 6.46 -5.89
C TYR A 88 8.36 7.95 -5.61
N ASP A 89 9.22 8.64 -6.36
N ASP A 89 9.24 8.63 -6.36
CA ASP A 89 9.46 10.07 -6.17
CA ASP A 89 9.48 10.06 -6.16
C ASP A 89 10.09 10.39 -4.81
C ASP A 89 9.96 10.34 -4.74
N VAL A 90 10.74 9.40 -4.19
CA VAL A 90 11.36 9.60 -2.87
C VAL A 90 12.72 10.25 -2.98
N ILE A 91 13.48 9.87 -4.00
CA ILE A 91 14.79 10.46 -4.30
C ILE A 91 14.73 11.07 -5.71
N ASP A 92 15.71 11.93 -6.00
CA ASP A 92 15.79 12.67 -7.25
C ASP A 92 17.08 12.29 -7.98
N ARG A 93 17.20 12.80 -9.22
CA ARG A 93 18.42 12.73 -10.02
C ARG A 93 19.00 14.11 -10.36
N ILE A 94 20.33 14.20 -10.42
CA ILE A 94 21.03 15.36 -10.98
C ILE A 94 21.91 14.89 -12.13
N HIS A 95 21.78 15.52 -13.29
CA HIS A 95 22.46 15.06 -14.50
C HIS A 95 23.75 15.83 -14.79
N ASP A 96 24.80 15.07 -15.04
CA ASP A 96 26.15 15.52 -15.38
C ASP A 96 26.34 15.27 -16.88
N THR A 97 27.50 15.69 -17.39
CA THR A 97 27.75 15.42 -18.81
C THR A 97 27.90 13.93 -19.08
N ASN A 98 28.33 13.15 -18.09
CA ASN A 98 28.60 11.73 -18.26
C ASN A 98 27.52 10.81 -17.69
N GLY A 99 26.42 11.35 -17.20
CA GLY A 99 25.32 10.55 -16.64
C GLY A 99 24.68 11.30 -15.48
N PHE A 100 24.18 10.55 -14.49
CA PHE A 100 23.48 11.20 -13.38
C PHE A 100 23.92 10.64 -12.04
N ARG A 101 23.57 11.38 -10.99
CA ARG A 101 23.68 10.88 -9.63
C ARG A 101 22.32 10.96 -8.98
N TYR A 102 22.12 10.14 -7.96
N TYR A 102 22.11 10.12 -7.97
CA TYR A 102 20.95 10.27 -7.11
CA TYR A 102 20.93 10.23 -7.11
C TYR A 102 21.24 11.24 -5.97
C TYR A 102 21.23 11.22 -5.97
N LEU A 103 20.18 11.92 -5.54
CA LEU A 103 20.30 12.91 -4.46
C LEU A 103 18.96 13.07 -3.78
N LEU A 104 18.97 13.74 -2.63
CA LEU A 104 17.73 14.10 -1.96
C LEU A 104 17.43 15.58 -2.14
N SER A 105 16.17 15.89 -2.45
CA SER A 105 15.73 17.27 -2.35
C SER A 105 15.79 17.72 -0.90
N ALA A 106 15.76 19.04 -0.69
CA ALA A 106 15.75 19.56 0.67
C ALA A 106 14.55 19.03 1.44
N GLU A 107 13.38 19.00 0.79
CA GLU A 107 12.18 18.56 1.50
C GLU A 107 12.27 17.07 1.83
N ALA A 108 12.85 16.27 0.93
CA ALA A 108 12.97 14.84 1.20
C ALA A 108 13.99 14.60 2.32
N ARG A 109 15.07 15.38 2.34
CA ARG A 109 16.07 15.25 3.39
C ARG A 109 15.43 15.41 4.77
N GLU A 110 14.57 16.41 4.91
N GLU A 110 14.55 16.39 4.93
CA GLU A 110 13.91 16.65 6.20
CA GLU A 110 13.94 16.63 6.23
C GLU A 110 13.10 15.43 6.64
C GLU A 110 12.99 15.53 6.64
N CYS A 111 12.49 14.72 5.70
CA CYS A 111 11.63 13.59 6.02
C CYS A 111 12.38 12.29 6.26
N LEU A 112 13.54 12.12 5.63
CA LEU A 112 14.17 10.81 5.53
C LEU A 112 15.38 10.61 6.45
N LEU A 113 15.94 11.69 7.02
CA LEU A 113 17.12 11.57 7.84
C LEU A 113 16.73 11.54 9.33
N PRO A 114 17.51 10.88 10.16
CA PRO A 114 17.19 10.86 11.59
C PRO A 114 17.47 12.22 12.23
N GLY A 115 16.67 12.53 13.24
CA GLY A 115 16.93 13.68 14.10
C GLY A 115 16.38 15.01 13.64
N THR A 116 15.83 15.08 12.43
CA THR A 116 15.16 16.29 11.99
C THR A 116 13.80 16.38 12.64
N LEU A 117 13.23 17.59 12.59
CA LEU A 117 11.96 17.81 13.25
C LEU A 117 10.85 16.92 12.67
N PHE A 118 10.82 16.75 11.34
CA PHE A 118 9.74 16.00 10.71
C PHE A 118 10.17 14.60 10.23
N SER A 119 11.29 14.10 10.74
CA SER A 119 11.81 12.81 10.32
C SER A 119 10.77 11.71 10.42
N LEU A 120 10.67 10.91 9.37
CA LEU A 120 9.86 9.68 9.37
C LEU A 120 10.62 8.47 9.90
N VAL A 121 11.87 8.61 10.32
CA VAL A 121 12.64 7.45 10.77
C VAL A 121 11.90 6.68 11.86
N GLY A 122 11.26 7.38 12.81
CA GLY A 122 10.55 6.69 13.86
C GLY A 122 9.36 5.90 13.35
N LYS A 123 8.74 6.35 12.25
CA LYS A 123 7.71 5.57 11.57
C LYS A 123 8.30 4.37 10.83
N PHE A 124 9.45 4.56 10.17
CA PHE A 124 10.11 3.40 9.57
C PHE A 124 10.38 2.33 10.63
N MET A 125 10.95 2.74 11.77
CA MET A 125 11.31 1.77 12.80
C MET A 125 10.09 1.16 13.48
N HIS A 126 9.01 1.95 13.65
CA HIS A 126 7.77 1.39 14.15
C HIS A 126 7.25 0.31 13.22
N ASP A 127 7.29 0.55 11.91
CA ASP A 127 6.86 -0.48 10.97
C ASP A 127 7.74 -1.72 11.09
N ILE A 128 9.05 -1.53 11.06
CA ILE A 128 9.97 -2.65 11.07
C ILE A 128 9.79 -3.50 12.33
N ASN A 129 9.72 -2.84 13.48
CA ASN A 129 9.76 -3.51 14.78
C ASN A 129 8.40 -4.01 15.24
N VAL A 130 7.32 -3.29 14.88
CA VAL A 130 6.00 -3.53 15.45
C VAL A 130 4.96 -3.82 14.38
N ALA A 131 4.76 -2.90 13.43
CA ALA A 131 3.56 -2.97 12.60
C ALA A 131 3.66 -4.08 11.54
N TRP A 132 4.84 -4.23 10.89
N TRP A 132 4.81 -4.23 10.92
CA TRP A 132 4.97 -5.24 9.84
CA TRP A 132 4.91 -5.21 9.83
C TRP A 132 4.60 -6.59 10.38
C TRP A 132 4.64 -6.63 10.34
N PRO A 133 5.23 -7.11 11.43
CA PRO A 133 4.86 -8.44 11.90
C PRO A 133 3.42 -8.53 12.34
N ALA A 134 2.88 -7.46 12.94
CA ALA A 134 1.48 -7.50 13.36
C ALA A 134 0.54 -7.62 12.17
N TRP A 135 0.79 -6.85 11.10
CA TRP A 135 -0.12 -6.84 9.97
C TRP A 135 -0.24 -8.23 9.35
N ARG A 136 0.82 -9.03 9.34
N ARG A 136 0.88 -8.98 9.32
CA ARG A 136 0.67 -10.36 8.77
CA ARG A 136 0.89 -10.35 8.84
C ARG A 136 -0.22 -11.26 9.63
C ARG A 136 0.04 -11.28 9.70
N ASN A 137 -0.30 -10.99 10.94
N ASN A 137 -0.32 -10.86 10.91
CA ASN A 137 -1.14 -11.74 11.86
CA ASN A 137 -1.09 -11.67 11.84
C ASN A 137 -2.53 -11.15 12.04
C ASN A 137 -2.49 -11.11 12.06
N LEU A 138 -2.92 -10.21 11.17
CA LEU A 138 -4.21 -9.54 11.34
C LEU A 138 -5.38 -10.52 11.43
N ALA A 139 -5.34 -11.62 10.68
CA ALA A 139 -6.48 -12.53 10.69
C ALA A 139 -6.74 -13.06 12.10
N GLU A 140 -5.67 -13.42 12.81
N GLU A 140 -5.67 -13.43 12.82
CA GLU A 140 -5.84 -13.97 14.16
CA GLU A 140 -5.85 -13.97 14.15
C GLU A 140 -6.43 -12.93 15.11
C GLU A 140 -6.41 -12.94 15.12
N VAL A 141 -6.06 -11.66 14.94
CA VAL A 141 -6.57 -10.63 15.82
C VAL A 141 -8.06 -10.35 15.52
N VAL A 142 -8.47 -10.45 14.26
CA VAL A 142 -9.88 -10.30 13.95
C VAL A 142 -10.68 -11.46 14.51
N ARG A 143 -10.12 -12.66 14.46
CA ARG A 143 -10.82 -13.81 15.02
C ARG A 143 -11.12 -13.63 16.51
N HIS A 144 -10.11 -13.17 17.26
CA HIS A 144 -10.21 -13.13 18.72
C HIS A 144 -10.70 -11.80 19.27
N GLY A 145 -10.46 -10.71 18.56
CA GLY A 145 -10.86 -9.39 19.00
C GLY A 145 -9.86 -8.80 19.97
N ALA A 146 -10.14 -7.57 20.40
CA ALA A 146 -9.38 -6.92 21.45
C ALA A 146 -9.94 -7.18 22.85
N ARG A 147 -10.94 -8.04 22.98
CA ARG A 147 -11.56 -8.27 24.28
C ARG A 147 -10.62 -9.06 25.19
N ASP A 148 -10.43 -8.56 26.42
CA ASP A 148 -9.61 -9.24 27.40
C ASP A 148 -10.26 -10.57 27.79
N THR A 149 -9.63 -11.25 28.76
CA THR A 149 -10.13 -12.53 29.23
C THR A 149 -11.51 -12.41 29.87
N SER A 150 -11.80 -11.28 30.52
CA SER A 150 -13.11 -11.00 31.11
C SER A 150 -14.13 -10.50 30.09
N GLY A 151 -13.74 -10.35 28.82
CA GLY A 151 -14.65 -9.92 27.78
C GLY A 151 -14.61 -8.43 27.50
N ALA A 152 -13.92 -7.65 28.34
CA ALA A 152 -13.87 -6.21 28.16
C ALA A 152 -12.83 -5.85 27.10
N GLU A 153 -13.19 -4.90 26.24
N GLU A 153 -13.19 -4.90 26.25
CA GLU A 153 -12.25 -4.44 25.23
CA GLU A 153 -12.27 -4.41 25.23
C GLU A 153 -11.04 -3.79 25.88
C GLU A 153 -11.04 -3.79 25.88
N SER A 154 -9.93 -3.80 25.15
CA SER A 154 -8.70 -3.20 25.63
C SER A 154 -8.38 -1.95 24.82
N PRO A 155 -7.72 -0.97 25.43
CA PRO A 155 -7.17 0.15 24.66
C PRO A 155 -6.06 -0.34 23.75
N ASN A 156 -5.63 0.56 22.88
CA ASN A 156 -4.58 0.19 21.95
C ASN A 156 -3.33 -0.27 22.68
N GLY A 157 -2.61 -1.21 22.04
CA GLY A 157 -1.47 -1.84 22.69
C GLY A 157 -0.09 -1.31 22.36
N ILE A 158 0.04 -0.31 21.49
CA ILE A 158 1.35 0.28 21.28
C ILE A 158 1.87 0.79 22.62
N ALA A 159 3.10 0.41 22.96
CA ALA A 159 3.65 0.61 24.29
C ALA A 159 4.64 1.77 24.33
N GLN A 160 4.99 2.18 25.55
CA GLN A 160 5.87 3.34 25.69
C GLN A 160 7.19 3.14 24.96
N GLU A 161 7.77 1.94 25.03
CA GLU A 161 9.02 1.70 24.32
C GLU A 161 8.85 1.87 22.82
N ASP A 162 7.67 1.52 22.29
CA ASP A 162 7.38 1.74 20.87
C ASP A 162 7.21 3.22 20.56
N TYR A 163 6.53 3.95 21.44
CA TYR A 163 6.33 5.38 21.23
C TYR A 163 7.64 6.16 21.27
N GLU A 164 8.67 5.65 21.95
CA GLU A 164 9.95 6.34 21.94
C GLU A 164 10.47 6.58 20.53
N SER A 165 10.20 5.66 19.59
CA SER A 165 10.48 5.89 18.18
C SER A 165 9.32 6.59 17.47
N LEU A 166 8.09 6.12 17.70
CA LEU A 166 6.99 6.58 16.86
C LEU A 166 6.62 8.04 17.06
N VAL A 167 6.73 8.60 18.27
CA VAL A 167 6.22 9.96 18.46
C VAL A 167 6.92 10.98 17.55
N GLY A 168 8.24 10.86 17.40
CA GLY A 168 8.93 11.77 16.48
C GLY A 168 8.57 11.55 15.03
N GLY A 169 8.19 10.32 14.69
CA GLY A 169 7.81 9.98 13.34
C GLY A 169 6.43 10.45 12.92
N ILE A 170 5.65 11.04 13.83
CA ILE A 170 4.36 11.61 13.50
C ILE A 170 4.32 13.12 13.71
N ASN A 171 5.48 13.73 13.98
CA ASN A 171 5.54 15.19 14.06
C ASN A 171 5.03 15.87 12.80
N PHE A 172 5.20 15.23 11.64
CA PHE A 172 4.83 15.87 10.37
C PHE A 172 3.35 16.23 10.30
N TRP A 173 2.50 15.53 11.04
CA TRP A 173 1.08 15.87 11.05
C TRP A 173 0.81 17.25 11.66
N ALA A 174 1.65 17.68 12.59
CA ALA A 174 1.26 18.79 13.45
C ALA A 174 1.10 20.16 12.79
N PRO A 175 2.01 20.60 11.92
CA PRO A 175 1.94 22.01 11.48
C PRO A 175 0.63 22.39 10.81
N PRO A 176 0.09 21.59 9.88
CA PRO A 176 -1.19 22.01 9.28
C PRO A 176 -2.32 22.07 10.29
N ILE A 177 -2.31 21.15 11.24
CA ILE A 177 -3.32 21.09 12.28
C ILE A 177 -3.24 22.32 13.17
N VAL A 178 -2.03 22.65 13.63
CA VAL A 178 -1.90 23.81 14.50
C VAL A 178 -2.23 25.10 13.76
N THR A 179 -1.86 25.23 12.49
CA THR A 179 -2.25 26.41 11.74
C THR A 179 -3.76 26.57 11.68
N THR A 180 -4.47 25.47 11.39
CA THR A 180 -5.92 25.51 11.31
C THR A 180 -6.54 25.81 12.67
N LEU A 181 -6.04 25.16 13.72
CA LEU A 181 -6.56 25.42 15.06
C LEU A 181 -6.31 26.87 15.47
N SER A 182 -5.10 27.38 15.23
CA SER A 182 -4.78 28.74 15.68
C SER A 182 -5.62 29.77 14.94
N ARG A 183 -5.87 29.55 13.65
CA ARG A 183 -6.73 30.47 12.91
C ARG A 183 -8.12 30.52 13.50
N LYS A 184 -8.67 29.37 13.90
CA LYS A 184 -10.00 29.38 14.52
C LYS A 184 -9.96 30.04 15.90
N LEU A 185 -8.94 29.74 16.69
CA LEU A 185 -8.83 30.37 18.01
C LEU A 185 -8.79 31.89 17.88
N ARG A 186 -7.97 32.41 16.96
CA ARG A 186 -7.90 33.86 16.79
C ARG A 186 -9.22 34.43 16.29
N ALA A 187 -9.86 33.75 15.34
CA ALA A 187 -11.12 34.25 14.80
C ALA A 187 -12.19 34.29 15.89
N SER A 188 -12.07 33.40 16.88
N SER A 188 -12.09 33.41 16.89
CA SER A 188 -13.02 33.30 17.99
CA SER A 188 -13.06 33.36 17.96
C SER A 188 -12.74 34.29 19.11
C SER A 188 -12.63 34.14 19.20
N GLY A 189 -11.63 35.03 19.06
CA GLY A 189 -11.30 36.00 20.09
C GLY A 189 -10.08 35.76 20.95
N ARG A 190 -9.32 34.70 20.73
N ARG A 190 -9.30 34.72 20.72
CA ARG A 190 -8.14 34.41 21.53
CA ARG A 190 -8.16 34.41 21.58
C ARG A 190 -6.95 35.19 21.00
C ARG A 190 -6.86 34.97 21.01
N SER A 191 -6.00 35.48 21.89
CA SER A 191 -4.86 36.29 21.51
C SER A 191 -3.63 35.89 22.30
N GLY A 192 -2.47 36.13 21.71
CA GLY A 192 -1.20 35.71 22.29
C GLY A 192 -0.56 36.70 23.22
N ASP A 193 -1.13 37.90 23.35
N ASP A 193 -1.13 37.89 23.35
CA ASP A 193 -0.60 38.93 24.23
CA ASP A 193 -0.60 38.93 24.23
C ASP A 193 -1.20 38.87 25.63
C ASP A 193 -1.25 38.92 25.61
N ALA A 194 -2.14 37.98 25.88
CA ALA A 194 -2.73 37.76 27.20
C ALA A 194 -2.39 36.34 27.63
N THR A 195 -2.34 36.13 28.95
N THR A 195 -2.33 36.12 28.94
CA THR A 195 -1.92 34.82 29.44
CA THR A 195 -1.90 34.82 29.43
C THR A 195 -3.02 33.79 29.20
C THR A 195 -3.00 33.78 29.27
N ALA A 196 -2.60 32.58 28.85
CA ALA A 196 -3.52 31.47 28.73
C ALA A 196 -2.71 30.21 28.98
N SER A 197 -3.40 29.14 29.36
CA SER A 197 -2.75 27.87 29.68
C SER A 197 -3.34 26.75 28.84
N VAL A 198 -2.45 25.94 28.27
CA VAL A 198 -2.81 24.79 27.44
C VAL A 198 -2.39 23.53 28.16
N LEU A 199 -3.26 22.51 28.15
CA LEU A 199 -2.93 21.16 28.60
C LEU A 199 -2.91 20.28 27.36
N ASP A 200 -1.80 19.59 27.13
CA ASP A 200 -1.59 18.72 25.96
C ASP A 200 -1.50 17.30 26.51
N VAL A 201 -2.60 16.55 26.37
CA VAL A 201 -2.76 15.27 27.03
C VAL A 201 -2.18 14.17 26.13
N GLY A 202 -1.17 13.45 26.64
CA GLY A 202 -0.44 12.52 25.80
C GLY A 202 0.31 13.26 24.72
N CYS A 203 1.16 14.19 25.16
CA CYS A 203 1.75 15.18 24.26
C CYS A 203 2.75 14.61 23.26
N GLY A 204 3.28 13.41 23.46
CA GLY A 204 4.30 12.93 22.54
C GLY A 204 5.52 13.84 22.62
N THR A 205 6.03 14.25 21.45
CA THR A 205 7.15 15.18 21.45
C THR A 205 6.76 16.57 21.92
N GLY A 206 5.46 16.86 22.06
CA GLY A 206 5.01 18.17 22.44
C GLY A 206 4.88 19.16 21.30
N LEU A 207 5.04 18.73 20.06
CA LEU A 207 5.09 19.68 18.95
C LEU A 207 3.83 20.51 18.84
N TYR A 208 2.65 19.92 19.12
CA TYR A 208 1.41 20.68 18.94
C TYR A 208 1.37 21.88 19.90
N SER A 209 1.63 21.64 21.18
CA SER A 209 1.61 22.75 22.13
C SER A 209 2.82 23.65 21.93
N GLN A 210 3.96 23.12 21.50
CA GLN A 210 5.12 23.99 21.25
C GLN A 210 4.87 24.94 20.08
N LEU A 211 4.22 24.45 19.01
CA LEU A 211 3.86 25.35 17.93
C LEU A 211 2.81 26.37 18.39
N LEU A 212 1.87 25.96 19.24
CA LEU A 212 0.95 26.93 19.82
C LEU A 212 1.70 27.99 20.63
N LEU A 213 2.71 27.58 21.41
CA LEU A 213 3.47 28.54 22.18
C LEU A 213 4.19 29.55 21.28
N ARG A 214 4.68 29.09 20.12
N ARG A 214 4.68 29.09 20.12
CA ARG A 214 5.32 30.01 19.18
CA ARG A 214 5.32 30.02 19.20
C ARG A 214 4.31 30.96 18.58
C ARG A 214 4.30 30.98 18.59
N GLU A 215 3.08 30.49 18.34
CA GLU A 215 2.02 31.34 17.79
C GLU A 215 1.49 32.36 18.81
N PHE A 216 1.47 31.99 20.09
CA PHE A 216 0.81 32.77 21.14
C PHE A 216 1.87 32.98 22.21
N PRO A 217 2.65 34.07 22.10
CA PRO A 217 3.89 34.19 22.90
C PRO A 217 3.71 34.36 24.40
N ARG A 218 2.52 34.68 24.88
CA ARG A 218 2.33 34.75 26.33
C ARG A 218 1.71 33.50 26.92
N TRP A 219 1.35 32.53 26.08
CA TRP A 219 0.73 31.32 26.60
C TRP A 219 1.76 30.41 27.25
N THR A 220 1.27 29.51 28.11
CA THR A 220 2.06 28.43 28.66
C THR A 220 1.37 27.11 28.34
N ALA A 221 2.14 26.03 28.42
CA ALA A 221 1.60 24.71 28.14
C ALA A 221 2.19 23.67 29.07
N THR A 222 1.35 22.71 29.45
CA THR A 222 1.75 21.56 30.26
C THR A 222 1.46 20.31 29.43
N GLY A 223 2.49 19.50 29.19
CA GLY A 223 2.33 18.24 28.51
C GLY A 223 2.28 17.07 29.48
N LEU A 224 1.30 16.20 29.28
CA LEU A 224 1.18 14.97 30.04
C LEU A 224 1.64 13.80 29.18
N ASP A 225 2.56 13.00 29.70
CA ASP A 225 2.95 11.78 29.02
C ASP A 225 3.72 10.93 30.04
N VAL A 226 4.17 9.76 29.60
CA VAL A 226 5.05 8.95 30.44
C VAL A 226 6.46 9.54 30.44
N GLU A 227 7.25 9.14 31.44
CA GLU A 227 8.50 9.86 31.70
C GLU A 227 9.46 9.80 30.52
N ARG A 228 9.59 8.66 29.85
CA ARG A 228 10.57 8.61 28.75
C ARG A 228 10.15 9.45 27.56
N ILE A 229 8.85 9.68 27.39
CA ILE A 229 8.38 10.54 26.32
C ILE A 229 8.45 12.00 26.75
N ALA A 230 8.12 12.29 28.00
CA ALA A 230 8.29 13.65 28.51
C ALA A 230 9.72 14.16 28.31
N THR A 231 10.71 13.28 28.48
CA THR A 231 12.10 13.65 28.22
C THR A 231 12.28 14.14 26.79
N LEU A 232 11.71 13.42 25.82
CA LEU A 232 11.79 13.86 24.43
C LEU A 232 11.13 15.23 24.27
N ALA A 233 9.97 15.42 24.90
CA ALA A 233 9.22 16.65 24.71
C ALA A 233 9.98 17.86 25.26
N ASN A 234 10.63 17.71 26.40
CA ASN A 234 11.39 18.83 26.94
C ASN A 234 12.59 19.15 26.06
N ALA A 235 13.23 18.14 25.49
CA ALA A 235 14.34 18.43 24.59
C ALA A 235 13.84 19.18 23.36
N GLN A 236 12.67 18.79 22.84
CA GLN A 236 12.17 19.48 21.67
C GLN A 236 11.72 20.90 21.98
N ALA A 237 11.17 21.14 23.18
CA ALA A 237 10.80 22.50 23.56
C ALA A 237 12.02 23.41 23.54
N LEU A 238 13.16 22.90 24.01
CA LEU A 238 14.39 23.68 23.94
C LEU A 238 14.83 23.91 22.50
N ARG A 239 14.72 22.88 21.66
CA ARG A 239 15.07 23.02 20.25
C ARG A 239 14.27 24.14 19.59
N LEU A 240 13.00 24.26 19.95
CA LEU A 240 12.09 25.24 19.35
C LEU A 240 12.05 26.56 20.09
N GLY A 241 12.81 26.72 21.18
CA GLY A 241 12.91 28.01 21.82
C GLY A 241 11.76 28.38 22.73
N VAL A 242 10.97 27.40 23.18
CA VAL A 242 9.79 27.68 23.98
C VAL A 242 9.88 27.01 25.36
N GLU A 243 11.08 26.58 25.76
CA GLU A 243 11.25 25.85 27.02
C GLU A 243 10.81 26.63 28.25
N GLU A 244 10.90 27.97 28.23
CA GLU A 244 10.49 28.74 29.40
C GLU A 244 8.99 28.68 29.65
N ARG A 245 8.18 28.28 28.66
CA ARG A 245 6.73 28.28 28.75
C ARG A 245 6.13 26.89 28.57
N PHE A 246 6.96 25.85 28.50
CA PHE A 246 6.54 24.47 28.32
C PHE A 246 7.05 23.64 29.47
N ALA A 247 6.18 22.88 30.10
CA ALA A 247 6.57 21.96 31.15
C ALA A 247 5.85 20.64 30.94
N THR A 248 6.40 19.58 31.53
CA THR A 248 5.78 18.27 31.46
C THR A 248 5.45 17.79 32.87
N ARG A 249 4.44 16.93 32.94
CA ARG A 249 4.08 16.21 34.16
C ARG A 249 3.97 14.75 33.78
N ALA A 250 4.88 13.93 34.31
CA ALA A 250 4.96 12.53 33.92
C ALA A 250 3.96 11.72 34.72
N GLY A 251 3.39 10.70 34.07
CA GLY A 251 2.49 9.78 34.71
C GLY A 251 1.33 9.35 33.83
N ASP A 252 0.54 8.41 34.34
CA ASP A 252 -0.61 7.85 33.64
C ASP A 252 -1.74 8.86 33.60
N PHE A 253 -2.06 9.37 32.41
CA PHE A 253 -3.10 10.41 32.31
C PHE A 253 -4.50 9.91 32.60
N TRP A 254 -4.73 8.59 32.62
CA TRP A 254 -6.05 8.08 32.99
C TRP A 254 -6.40 8.37 34.46
N ARG A 255 -5.39 8.70 35.28
CA ARG A 255 -5.64 9.02 36.68
CA ARG A 255 -5.65 9.01 36.68
C ARG A 255 -6.42 10.32 36.84
N GLY A 256 -6.34 11.22 35.87
CA GLY A 256 -6.99 12.51 36.00
C GLY A 256 -6.31 13.40 37.03
N GLY A 257 -7.11 14.30 37.61
CA GLY A 257 -6.58 15.31 38.53
C GLY A 257 -5.60 16.22 37.83
N TRP A 258 -5.98 16.71 36.64
CA TRP A 258 -5.03 17.43 35.79
C TRP A 258 -4.84 18.89 36.17
N GLY A 259 -5.64 19.42 37.10
CA GLY A 259 -5.46 20.78 37.56
C GLY A 259 -6.72 21.60 37.34
N THR A 260 -6.53 22.91 37.15
N THR A 260 -6.52 22.91 37.15
CA THR A 260 -7.66 23.81 37.03
CA THR A 260 -7.63 23.84 37.07
C THR A 260 -7.30 24.96 36.11
C THR A 260 -7.29 24.95 36.09
N GLY A 261 -8.33 25.61 35.59
CA GLY A 261 -8.17 26.84 34.86
C GLY A 261 -7.61 26.75 33.47
N TYR A 262 -7.57 25.57 32.85
CA TYR A 262 -6.97 25.51 31.53
C TYR A 262 -7.89 26.17 30.51
N ASP A 263 -7.29 26.97 29.63
CA ASP A 263 -8.01 27.63 28.55
C ASP A 263 -8.22 26.71 27.37
N LEU A 264 -7.32 25.76 27.18
CA LEU A 264 -7.39 24.82 26.06
C LEU A 264 -6.86 23.49 26.56
N VAL A 265 -7.64 22.44 26.34
CA VAL A 265 -7.21 21.07 26.60
C VAL A 265 -7.17 20.37 25.25
N LEU A 266 -5.98 19.93 24.87
CA LEU A 266 -5.75 19.32 23.56
C LEU A 266 -5.56 17.81 23.68
N PHE A 267 -6.30 17.07 22.85
CA PHE A 267 -6.13 15.64 22.68
C PHE A 267 -5.83 15.41 21.19
N ALA A 268 -4.56 15.30 20.83
CA ALA A 268 -4.18 14.99 19.46
C ALA A 268 -3.74 13.53 19.37
N ASN A 269 -4.45 12.74 18.56
CA ASN A 269 -4.07 11.35 18.35
C ASN A 269 -4.13 10.51 19.64
N ILE A 270 -5.13 10.81 20.47
CA ILE A 270 -5.34 10.13 21.76
C ILE A 270 -6.61 9.28 21.76
N PHE A 271 -7.73 9.88 21.34
CA PHE A 271 -9.00 9.16 21.42
C PHE A 271 -9.02 7.87 20.62
N HIS A 272 -8.34 7.82 19.48
CA HIS A 272 -8.34 6.59 18.70
C HIS A 272 -7.70 5.42 19.46
N LEU A 273 -6.91 5.69 20.50
CA LEU A 273 -6.32 4.63 21.30
C LEU A 273 -7.28 4.06 22.35
N GLN A 274 -8.41 4.72 22.58
CA GLN A 274 -9.22 4.45 23.75
C GLN A 274 -10.31 3.42 23.48
N THR A 275 -10.85 2.88 24.57
CA THR A 275 -12.15 2.23 24.54
C THR A 275 -13.21 3.26 24.83
N PRO A 276 -14.48 2.93 24.65
CA PRO A 276 -15.51 3.91 25.00
C PRO A 276 -15.45 4.31 26.46
N ALA A 277 -15.18 3.36 27.35
CA ALA A 277 -15.12 3.66 28.76
C ALA A 277 -13.95 4.59 29.08
N SER A 278 -12.77 4.29 28.54
CA SER A 278 -11.62 5.15 28.83
C SER A 278 -11.77 6.51 28.17
N ALA A 279 -12.42 6.57 27.01
CA ALA A 279 -12.64 7.84 26.33
C ALA A 279 -13.51 8.77 27.17
N VAL A 280 -14.66 8.28 27.66
CA VAL A 280 -15.53 9.18 28.42
C VAL A 280 -14.85 9.63 29.71
N ARG A 281 -14.04 8.76 30.32
CA ARG A 281 -13.31 9.16 31.52
C ARG A 281 -12.34 10.29 31.20
N LEU A 282 -11.59 10.17 30.09
CA LEU A 282 -10.70 11.27 29.69
C LEU A 282 -11.47 12.55 29.43
N MET A 283 -12.63 12.46 28.77
CA MET A 283 -13.40 13.67 28.50
C MET A 283 -13.87 14.31 29.81
N ARG A 284 -14.23 13.49 30.80
CA ARG A 284 -14.60 14.02 32.10
C ARG A 284 -13.41 14.67 32.80
N HIS A 285 -12.22 14.07 32.73
CA HIS A 285 -11.04 14.73 33.29
C HIS A 285 -10.81 16.08 32.63
N ALA A 286 -11.02 16.16 31.31
CA ALA A 286 -10.81 17.41 30.59
C ALA A 286 -11.78 18.48 31.10
N ALA A 287 -13.07 18.14 31.19
CA ALA A 287 -14.03 19.12 31.67
C ALA A 287 -13.70 19.58 33.10
N ALA A 288 -13.18 18.67 33.93
CA ALA A 288 -12.94 19.03 35.32
C ALA A 288 -11.82 20.06 35.47
N CYS A 289 -10.88 20.11 34.53
CA CYS A 289 -9.77 21.05 34.63
C CYS A 289 -9.95 22.32 33.80
N LEU A 290 -11.08 22.46 33.11
N LEU A 290 -11.07 22.44 33.10
CA LEU A 290 -11.28 23.53 32.16
CA LEU A 290 -11.28 23.56 32.20
C LEU A 290 -11.73 24.83 32.84
C LEU A 290 -11.59 24.85 32.97
N ALA A 291 -11.16 25.96 32.40
CA ALA A 291 -11.70 27.26 32.78
C ALA A 291 -13.15 27.39 32.32
N PRO A 292 -13.91 28.31 32.93
CA PRO A 292 -15.33 28.46 32.54
C PRO A 292 -15.51 28.67 31.05
N ASP A 293 -14.60 29.44 30.43
CA ASP A 293 -14.66 29.71 29.01
C ASP A 293 -13.64 28.90 28.22
N GLY A 294 -13.12 27.82 28.80
CA GLY A 294 -12.14 27.02 28.12
C GLY A 294 -12.73 26.14 27.03
N LEU A 295 -11.83 25.66 26.17
CA LEU A 295 -12.19 24.77 25.08
C LEU A 295 -11.42 23.47 25.18
N VAL A 296 -12.09 22.39 24.78
CA VAL A 296 -11.44 21.10 24.51
C VAL A 296 -11.31 20.97 23.00
N ALA A 297 -10.10 20.62 22.54
CA ALA A 297 -9.82 20.37 21.13
C ALA A 297 -9.46 18.91 20.98
N VAL A 298 -10.25 18.18 20.19
CA VAL A 298 -9.96 16.79 19.83
C VAL A 298 -9.46 16.80 18.39
N VAL A 299 -8.29 16.23 18.17
CA VAL A 299 -7.72 16.08 16.83
C VAL A 299 -7.56 14.58 16.60
N ASP A 300 -8.31 14.04 15.66
CA ASP A 300 -8.32 12.60 15.49
C ASP A 300 -8.86 12.21 14.12
N GLN A 301 -8.95 10.89 13.93
N GLN A 301 -8.93 10.90 13.91
CA GLN A 301 -9.51 10.29 12.72
CA GLN A 301 -9.47 10.32 12.68
C GLN A 301 -10.98 10.12 12.99
C GLN A 301 -10.95 10.10 12.96
N ILE A 302 -11.78 11.07 12.54
CA ILE A 302 -13.19 11.13 12.91
C ILE A 302 -14.03 11.08 11.64
N VAL A 303 -15.10 10.31 11.71
CA VAL A 303 -15.99 10.09 10.57
C VAL A 303 -17.42 10.15 11.08
N ASP A 304 -18.35 10.46 10.17
CA ASP A 304 -19.76 10.36 10.51
C ASP A 304 -20.13 8.91 10.82
N ALA A 305 -21.21 8.75 11.57
CA ALA A 305 -21.74 7.42 11.85
C ALA A 305 -22.09 6.66 10.57
N ASP A 306 -22.31 7.35 9.45
N ASP A 306 -22.33 7.35 9.45
CA ASP A 306 -22.57 6.62 8.22
CA ASP A 306 -22.58 6.63 8.21
C ASP A 306 -21.34 5.87 7.73
C ASP A 306 -21.35 5.85 7.77
N ARG A 307 -20.16 6.22 8.26
N ARG A 307 -20.17 6.21 8.27
CA ARG A 307 -18.91 5.52 7.93
CA ARG A 307 -18.91 5.54 7.94
C ARG A 307 -18.73 5.34 6.42
C ARG A 307 -18.75 5.34 6.43
N GLU A 308 -19.06 6.40 5.68
CA GLU A 308 -18.88 6.39 4.23
C GLU A 308 -17.52 7.01 3.86
N PRO A 309 -16.79 6.40 2.94
CA PRO A 309 -15.47 6.89 2.52
C PRO A 309 -15.55 8.01 1.49
N LYS A 310 -16.26 9.08 1.85
N LYS A 310 -16.21 9.10 1.86
CA LYS A 310 -16.52 10.14 0.87
CA LYS A 310 -16.55 10.14 0.89
C LYS A 310 -15.27 10.97 0.61
C LYS A 310 -15.43 11.16 0.66
N THR A 311 -14.58 11.39 1.65
CA THR A 311 -13.48 12.32 1.53
C THR A 311 -12.19 11.58 1.89
N PRO A 312 -11.04 12.16 1.62
CA PRO A 312 -9.79 11.51 2.05
C PRO A 312 -9.76 11.28 3.55
N GLN A 313 -10.26 12.24 4.33
CA GLN A 313 -10.20 12.09 5.78
C GLN A 313 -11.10 10.94 6.24
N ASP A 314 -12.26 10.78 5.60
CA ASP A 314 -13.13 9.64 5.91
C ASP A 314 -12.44 8.33 5.57
N ARG A 315 -11.84 8.26 4.38
N ARG A 315 -11.85 8.24 4.38
CA ARG A 315 -11.19 7.03 3.95
CA ARG A 315 -11.19 7.01 3.97
C ARG A 315 -10.05 6.68 4.88
C ARG A 315 -10.06 6.68 4.93
N PHE A 316 -9.21 7.66 5.22
CA PHE A 316 -8.11 7.39 6.14
C PHE A 316 -8.61 6.94 7.51
N ALA A 317 -9.68 7.57 8.01
CA ALA A 317 -10.21 7.17 9.31
C ALA A 317 -10.64 5.70 9.31
N LEU A 318 -11.36 5.27 8.28
CA LEU A 318 -11.78 3.88 8.22
C LEU A 318 -10.59 2.94 8.20
N LEU A 319 -9.54 3.31 7.47
CA LEU A 319 -8.33 2.49 7.47
C LEU A 319 -7.61 2.56 8.81
N PHE A 320 -7.56 3.75 9.42
CA PHE A 320 -6.86 3.89 10.69
C PHE A 320 -7.50 2.99 11.76
N ALA A 321 -8.82 2.81 11.71
CA ALA A 321 -9.44 1.87 12.64
C ALA A 321 -8.81 0.48 12.51
N ALA A 322 -8.51 0.04 11.29
CA ALA A 322 -7.83 -1.24 11.12
C ALA A 322 -6.42 -1.22 11.70
N SER A 323 -5.69 -0.09 11.55
CA SER A 323 -4.36 0.02 12.14
C SER A 323 -4.41 -0.09 13.66
N MET A 324 -5.47 0.45 14.27
CA MET A 324 -5.67 0.30 15.71
C MET A 324 -5.95 -1.15 16.08
N THR A 325 -6.88 -1.78 15.37
CA THR A 325 -7.15 -3.20 15.63
C THR A 325 -5.87 -4.02 15.46
N ASN A 326 -5.08 -3.70 14.43
CA ASN A 326 -3.83 -4.42 14.19
C ASN A 326 -2.94 -4.43 15.41
N THR A 327 -2.90 -3.31 16.15
CA THR A 327 -2.02 -3.13 17.30
C THR A 327 -2.76 -3.19 18.63
N GLY A 328 -3.91 -3.86 18.68
CA GLY A 328 -4.45 -4.35 19.92
C GLY A 328 -5.64 -3.62 20.52
N GLY A 329 -6.16 -2.57 19.88
CA GLY A 329 -7.33 -1.91 20.40
C GLY A 329 -7.43 -0.47 19.91
N GLY A 330 -8.56 0.13 20.23
CA GLY A 330 -8.88 1.46 19.72
C GLY A 330 -9.78 1.39 18.51
N ASP A 331 -10.02 2.55 17.90
CA ASP A 331 -11.01 2.67 16.83
C ASP A 331 -10.83 4.02 16.17
N ALA A 332 -11.52 4.21 15.07
CA ALA A 332 -11.78 5.53 14.51
C ALA A 332 -13.23 5.84 14.89
N TYR A 333 -13.39 6.71 15.87
CA TYR A 333 -14.69 7.00 16.44
C TYR A 333 -15.46 8.01 15.59
N THR A 334 -16.77 8.00 15.76
CA THR A 334 -17.66 8.83 14.96
C THR A 334 -17.98 10.16 15.65
N PHE A 335 -18.41 11.14 14.84
CA PHE A 335 -18.87 12.41 15.41
C PHE A 335 -19.89 12.16 16.50
N GLN A 336 -20.81 11.23 16.26
CA GLN A 336 -21.89 10.96 17.21
C GLN A 336 -21.39 10.35 18.50
N GLU A 337 -20.32 9.55 18.44
CA GLU A 337 -19.71 9.04 19.66
C GLU A 337 -19.02 10.15 20.44
N TYR A 338 -18.27 11.02 19.74
CA TYR A 338 -17.68 12.15 20.46
C TYR A 338 -18.76 13.02 21.11
N GLU A 339 -19.90 13.18 20.43
N GLU A 339 -19.88 13.24 20.40
CA GLU A 339 -20.97 14.00 21.00
CA GLU A 339 -20.96 14.03 20.96
C GLU A 339 -21.57 13.35 22.23
C GLU A 339 -21.44 13.42 22.27
N GLU A 340 -21.68 12.02 22.25
N GLU A 340 -21.63 12.09 22.28
CA GLU A 340 -22.06 11.32 23.47
CA GLU A 340 -22.10 11.42 23.49
C GLU A 340 -21.10 11.67 24.59
C GLU A 340 -21.10 11.61 24.62
N TRP A 341 -19.81 11.58 24.32
CA TRP A 341 -18.80 11.80 25.36
C TRP A 341 -18.80 13.24 25.83
N PHE A 342 -18.93 14.19 24.90
CA PHE A 342 -19.04 15.59 25.30
C PHE A 342 -20.23 15.77 26.24
N THR A 343 -21.40 15.24 25.88
CA THR A 343 -22.58 15.38 26.72
C THR A 343 -22.36 14.75 28.09
N ALA A 344 -21.75 13.57 28.14
CA ALA A 344 -21.50 12.93 29.42
C ALA A 344 -20.57 13.75 30.32
N ALA A 345 -19.75 14.61 29.72
CA ALA A 345 -18.78 15.41 30.45
C ALA A 345 -19.24 16.85 30.66
N GLY A 346 -20.46 17.19 30.25
CA GLY A 346 -20.96 18.55 30.39
C GLY A 346 -20.40 19.53 29.39
N LEU A 347 -20.01 19.06 28.22
CA LEU A 347 -19.45 19.87 27.16
C LEU A 347 -20.38 19.83 25.96
N GLN A 348 -20.13 20.73 25.00
CA GLN A 348 -20.94 20.84 23.78
C GLN A 348 -20.01 21.15 22.62
N ARG A 349 -20.12 20.37 21.54
CA ARG A 349 -19.36 20.65 20.34
C ARG A 349 -19.82 21.95 19.71
N ILE A 350 -18.86 22.81 19.32
CA ILE A 350 -19.16 24.05 18.63
C ILE A 350 -18.50 24.19 17.26
N GLU A 351 -17.46 23.42 16.95
N GLU A 351 -17.51 23.38 16.93
CA GLU A 351 -16.80 23.54 15.65
CA GLU A 351 -16.91 23.50 15.61
C GLU A 351 -16.28 22.17 15.22
C GLU A 351 -16.27 22.18 15.21
N THR A 352 -16.25 21.94 13.91
CA THR A 352 -15.56 20.82 13.29
C THR A 352 -14.73 21.40 12.16
N LEU A 353 -13.43 21.11 12.15
CA LEU A 353 -12.50 21.64 11.15
C LEU A 353 -11.77 20.50 10.47
N ASP A 354 -11.60 20.60 9.15
CA ASP A 354 -10.85 19.60 8.41
C ASP A 354 -9.38 19.94 8.37
N THR A 355 -8.54 18.91 8.44
CA THR A 355 -7.09 19.02 8.25
C THR A 355 -6.67 17.93 7.26
N PRO A 356 -5.39 17.85 6.86
CA PRO A 356 -5.04 16.91 5.78
C PRO A 356 -5.47 15.47 6.01
N MET A 357 -5.34 14.95 7.24
CA MET A 357 -5.65 13.56 7.54
C MET A 357 -6.48 13.40 8.81
N HIS A 358 -7.01 14.50 9.36
CA HIS A 358 -7.71 14.50 10.62
C HIS A 358 -8.90 15.46 10.53
N ARG A 359 -9.71 15.46 11.57
CA ARG A 359 -10.63 16.54 11.89
C ARG A 359 -10.35 17.04 13.29
N ILE A 360 -10.62 18.33 13.50
CA ILE A 360 -10.58 18.95 14.81
C ILE A 360 -12.00 19.18 15.26
N LEU A 361 -12.34 18.70 16.46
CA LEU A 361 -13.57 19.07 17.13
C LEU A 361 -13.23 20.02 18.26
N LEU A 362 -13.97 21.12 18.35
CA LEU A 362 -13.85 22.02 19.49
C LEU A 362 -15.14 21.96 20.30
N ALA A 363 -14.99 21.90 21.62
CA ALA A 363 -16.13 21.81 22.53
C ALA A 363 -15.93 22.79 23.68
N ARG A 364 -17.04 23.36 24.13
CA ARG A 364 -17.07 24.28 25.26
C ARG A 364 -17.92 23.65 26.36
N ARG A 365 -17.93 24.29 27.53
CA ARG A 365 -18.88 23.90 28.57
C ARG A 365 -20.30 24.10 28.08
N ALA A 366 -21.18 23.15 28.37
CA ALA A 366 -22.56 23.24 27.94
C ALA A 366 -23.26 24.41 28.62
N THR A 367 -24.22 25.00 27.91
CA THR A 367 -24.98 26.13 28.42
C THR A 367 -26.38 25.74 28.89
N GLU A 368 -26.95 24.66 28.36
CA GLU A 368 -28.34 24.36 28.66
C GLU A 368 -28.42 23.06 29.47
N PRO A 369 -29.48 22.91 30.27
CA PRO A 369 -29.59 21.73 31.12
C PRO A 369 -30.15 20.54 30.35
N SER A 370 -29.98 19.36 30.94
CA SER A 370 -30.66 18.18 30.42
C SER A 370 -32.17 18.41 30.45
N ALA A 371 -32.87 17.72 29.56
CA ALA A 371 -34.32 17.84 29.54
C ALA A 371 -34.99 17.04 30.64
N VAL A 372 -34.28 16.09 31.24
CA VAL A 372 -34.78 15.34 32.38
C VAL A 372 -34.32 16.06 33.65
N PRO A 373 -35.24 16.47 34.53
CA PRO A 373 -34.83 17.22 35.72
C PRO A 373 -34.05 16.38 36.72
N GLU A 374 -33.46 17.07 37.69
CA GLU A 374 -32.74 16.40 38.76
C GLU A 374 -33.69 15.55 39.60
N GLY A 375 -33.19 14.44 40.09
CA GLY A 375 -33.99 13.53 40.88
C GLY A 375 -33.67 12.08 40.61
N GLN A 376 -34.37 11.17 41.29
CA GLN A 376 -34.03 9.76 41.20
C GLN A 376 -34.16 9.21 39.78
N ALA A 377 -35.15 9.69 39.01
CA ALA A 377 -35.28 9.20 37.64
C ALA A 377 -34.06 9.57 36.81
N SER A 378 -33.59 10.81 36.93
CA SER A 378 -32.35 11.21 36.26
C SER A 378 -31.17 10.39 36.75
N GLU A 379 -31.13 10.07 38.04
CA GLU A 379 -29.98 9.32 38.56
C GLU A 379 -30.00 7.87 38.06
N ASN A 380 -31.17 7.26 38.00
CA ASN A 380 -31.27 5.91 37.44
C ASN A 380 -30.87 5.88 35.97
N LEU A 381 -31.24 6.92 35.20
CA LEU A 381 -30.78 7.03 33.83
C LEU A 381 -29.26 7.18 33.77
N TYR A 382 -28.69 7.92 34.72
CA TYR A 382 -27.23 8.10 34.76
C TYR A 382 -26.52 6.79 35.05
N PHE A 383 -27.04 6.01 36.00
CA PHE A 383 -26.36 4.78 36.40
C PHE A 383 -26.45 3.71 35.33
N GLN A 384 -27.47 3.76 34.48
CA GLN A 384 -27.71 2.74 33.46
C GLN A 384 -26.89 3.03 32.22
N ASN B 7 -10.53 10.09 -4.90
CA ASN B 7 -11.04 8.76 -5.21
C ASN B 7 -10.30 7.71 -4.38
N VAL B 8 -8.98 7.66 -4.57
CA VAL B 8 -8.12 6.75 -3.84
C VAL B 8 -7.33 7.49 -2.75
N SER B 9 -7.28 8.82 -2.82
CA SER B 9 -6.34 9.53 -1.98
C SER B 9 -6.72 9.40 -0.50
N LEU B 10 -5.68 9.25 0.33
CA LEU B 10 -5.82 9.21 1.78
C LEU B 10 -5.37 10.50 2.44
N VAL B 11 -4.98 11.50 1.66
CA VAL B 11 -4.51 12.78 2.14
C VAL B 11 -5.29 13.85 1.40
N ASP B 12 -5.86 14.79 2.13
CA ASP B 12 -6.51 15.94 1.50
C ASP B 12 -5.45 16.96 1.16
N GLU B 13 -4.88 16.82 -0.04
CA GLU B 13 -3.74 17.62 -0.47
C GLU B 13 -4.12 19.08 -0.66
N SER B 14 -5.41 19.36 -0.87
CA SER B 14 -5.87 20.74 -0.96
C SER B 14 -5.60 21.49 0.33
N LEU B 15 -5.41 20.79 1.44
CA LEU B 15 -5.15 21.41 2.74
C LEU B 15 -3.67 21.47 3.07
N LEU B 16 -2.80 21.00 2.16
CA LEU B 16 -1.36 21.17 2.30
C LEU B 16 -0.96 22.27 1.33
N VAL B 17 -0.78 23.46 1.87
CA VAL B 17 -0.58 24.65 1.05
C VAL B 17 0.77 25.27 1.42
N GLY B 18 1.24 26.13 0.53
CA GLY B 18 2.43 26.93 0.73
C GLY B 18 3.66 26.28 0.11
N VAL B 19 4.73 27.08 0.04
CA VAL B 19 5.96 26.62 -0.61
C VAL B 19 7.19 27.06 0.16
N THR B 20 7.02 27.52 1.41
CA THR B 20 8.19 27.68 2.27
C THR B 20 8.89 26.34 2.41
N ASP B 21 10.15 26.37 2.85
CA ASP B 21 10.88 25.12 3.06
C ASP B 21 10.10 24.21 4.00
N GLU B 22 9.57 24.76 5.08
CA GLU B 22 8.78 23.94 6.01
C GLU B 22 7.54 23.36 5.32
N ASP B 23 6.80 24.20 4.58
CA ASP B 23 5.60 23.71 3.91
C ASP B 23 5.93 22.57 2.96
N ARG B 24 7.03 22.69 2.23
CA ARG B 24 7.39 21.62 1.29
C ARG B 24 7.78 20.35 2.02
N ALA B 25 8.52 20.48 3.12
CA ALA B 25 8.88 19.30 3.91
C ALA B 25 7.65 18.63 4.47
N VAL B 26 6.70 19.40 5.00
CA VAL B 26 5.48 18.81 5.55
C VAL B 26 4.68 18.11 4.45
N ARG B 27 4.55 18.75 3.29
CA ARG B 27 3.85 18.12 2.18
C ARG B 27 4.51 16.81 1.78
N SER B 28 5.85 16.82 1.62
N SER B 28 5.84 16.84 1.63
CA SER B 28 6.55 15.61 1.29
CA SER B 28 6.59 15.62 1.30
C SER B 28 6.33 14.52 2.34
C SER B 28 6.37 14.54 2.34
N ALA B 29 6.36 14.90 3.62
CA ALA B 29 6.18 13.90 4.66
C ALA B 29 4.82 13.24 4.56
N HIS B 30 3.77 14.02 4.29
CA HIS B 30 2.44 13.43 4.09
C HIS B 30 2.41 12.50 2.89
N GLN B 31 3.10 12.88 1.81
N GLN B 31 3.03 12.92 1.78
CA GLN B 31 3.10 12.05 0.62
CA GLN B 31 3.14 12.06 0.61
C GLN B 31 3.89 10.76 0.84
C GLN B 31 3.81 10.75 0.98
N PHE B 32 4.97 10.84 1.62
CA PHE B 32 5.74 9.64 1.93
C PHE B 32 4.97 8.75 2.89
N TYR B 33 4.30 9.35 3.88
CA TYR B 33 3.48 8.57 4.81
C TYR B 33 2.39 7.83 4.06
N GLU B 34 1.72 8.51 3.13
CA GLU B 34 0.68 7.84 2.35
C GLU B 34 1.24 6.63 1.60
N ARG B 35 2.47 6.74 1.07
N ARG B 35 2.44 6.76 1.04
CA ARG B 35 3.07 5.60 0.40
CA ARG B 35 3.08 5.61 0.42
C ARG B 35 3.41 4.49 1.39
C ARG B 35 3.29 4.50 1.44
N LEU B 36 3.83 4.84 2.61
CA LEU B 36 4.18 3.82 3.59
C LEU B 36 2.94 3.04 4.01
N ILE B 37 1.80 3.70 4.17
CA ILE B 37 0.58 3.01 4.63
C ILE B 37 -0.08 2.20 3.53
N GLY B 38 0.50 2.17 2.34
CA GLY B 38 0.07 1.20 1.36
C GLY B 38 0.25 -0.23 1.83
N LEU B 39 1.09 -0.44 2.84
CA LEU B 39 1.20 -1.72 3.55
C LEU B 39 -0.15 -2.26 3.98
N TRP B 40 -1.03 -1.37 4.41
CA TRP B 40 -2.25 -1.82 5.07
C TRP B 40 -3.20 -2.54 4.12
N ALA B 41 -3.22 -2.17 2.84
CA ALA B 41 -4.22 -2.73 1.93
C ALA B 41 -4.00 -4.22 1.69
N PRO B 42 -2.83 -4.69 1.28
CA PRO B 42 -2.66 -6.15 1.19
C PRO B 42 -2.89 -6.85 2.51
N ALA B 43 -2.51 -6.24 3.63
CA ALA B 43 -2.73 -6.90 4.92
C ALA B 43 -4.21 -7.13 5.17
N VAL B 44 -5.03 -6.10 4.92
CA VAL B 44 -6.47 -6.20 5.10
C VAL B 44 -7.08 -7.22 4.13
N MET B 45 -6.71 -7.10 2.85
CA MET B 45 -7.29 -7.97 1.83
C MET B 45 -6.90 -9.41 2.04
N GLU B 46 -5.63 -9.65 2.38
CA GLU B 46 -5.13 -11.01 2.55
C GLU B 46 -5.64 -11.64 3.83
N ALA B 47 -5.79 -10.85 4.91
CA ALA B 47 -6.42 -11.37 6.12
C ALA B 47 -7.88 -11.74 5.84
N ALA B 48 -8.60 -10.90 5.10
CA ALA B 48 -9.98 -11.20 4.77
C ALA B 48 -10.08 -12.52 4.02
N HIS B 49 -9.17 -12.71 3.06
CA HIS B 49 -9.13 -13.98 2.35
C HIS B 49 -8.92 -15.16 3.31
N GLU B 50 -7.94 -15.04 4.21
CA GLU B 50 -7.64 -16.12 5.14
C GLU B 50 -8.84 -16.47 6.01
N LEU B 51 -9.61 -15.46 6.40
CA LEU B 51 -10.77 -15.64 7.26
C LEU B 51 -11.99 -16.17 6.53
N GLY B 52 -11.98 -16.23 5.20
CA GLY B 52 -13.14 -16.67 4.46
C GLY B 52 -14.16 -15.59 4.19
N VAL B 53 -13.78 -14.33 4.34
CA VAL B 53 -14.72 -13.21 4.21
C VAL B 53 -15.33 -13.14 2.81
N PHE B 54 -14.49 -13.26 1.77
CA PHE B 54 -15.02 -13.03 0.42
C PHE B 54 -15.99 -14.14 0.02
N ALA B 55 -15.62 -15.39 0.30
CA ALA B 55 -16.52 -16.50 0.01
C ALA B 55 -17.82 -16.37 0.78
N ALA B 56 -17.76 -15.91 2.03
CA ALA B 56 -19.00 -15.79 2.81
C ALA B 56 -19.89 -14.68 2.28
N LEU B 57 -19.30 -13.55 1.89
CA LEU B 57 -20.11 -12.47 1.33
C LEU B 57 -20.73 -12.87 0.00
N ALA B 58 -20.01 -13.66 -0.80
CA ALA B 58 -20.60 -14.11 -2.06
C ALA B 58 -21.79 -15.02 -1.82
N GLU B 59 -21.71 -15.87 -0.80
CA GLU B 59 -22.76 -16.85 -0.56
C GLU B 59 -24.03 -16.16 -0.07
N ALA B 60 -23.88 -15.18 0.81
CA ALA B 60 -24.99 -14.40 1.36
C ALA B 60 -24.50 -13.08 1.91
N PRO B 61 -24.93 -11.95 1.32
CA PRO B 61 -24.70 -10.64 1.94
C PRO B 61 -25.14 -10.62 3.39
N ALA B 62 -24.50 -9.76 4.16
CA ALA B 62 -24.60 -9.88 5.60
C ALA B 62 -24.25 -8.57 6.26
N ASP B 63 -24.88 -8.32 7.39
CA ASP B 63 -24.36 -7.29 8.29
CA ASP B 63 -24.37 -7.30 8.30
C ASP B 63 -23.11 -7.82 8.98
N SER B 64 -22.34 -6.91 9.57
CA SER B 64 -21.03 -7.32 10.12
C SER B 64 -21.19 -8.28 11.29
N GLY B 65 -22.23 -8.12 12.11
CA GLY B 65 -22.38 -9.02 13.24
C GLY B 65 -22.72 -10.43 12.79
N GLU B 66 -23.58 -10.55 11.78
CA GLU B 66 -23.91 -11.85 11.22
C GLU B 66 -22.70 -12.51 10.60
N LEU B 67 -21.89 -11.74 9.86
CA LEU B 67 -20.71 -12.33 9.24
C LEU B 67 -19.73 -12.78 10.31
N ALA B 68 -19.57 -12.00 11.38
CA ALA B 68 -18.70 -12.42 12.46
C ALA B 68 -19.17 -13.75 13.07
N ARG B 69 -20.48 -13.89 13.29
CA ARG B 69 -20.97 -15.16 13.83
C ARG B 69 -20.69 -16.31 12.87
N ARG B 70 -20.94 -16.10 11.58
CA ARG B 70 -20.72 -17.15 10.59
C ARG B 70 -19.26 -17.58 10.51
N LEU B 71 -18.33 -16.66 10.70
CA LEU B 71 -16.90 -16.89 10.52
C LEU B 71 -16.18 -17.10 11.86
N ASP B 72 -16.92 -17.12 12.97
CA ASP B 72 -16.35 -17.25 14.31
C ASP B 72 -15.29 -16.20 14.57
N CYS B 73 -15.65 -14.95 14.30
CA CYS B 73 -14.77 -13.81 14.52
C CYS B 73 -15.41 -12.84 15.49
N ASP B 74 -14.57 -11.93 16.01
CA ASP B 74 -15.04 -10.85 16.87
C ASP B 74 -15.89 -9.87 16.07
N ALA B 75 -17.05 -9.49 16.63
CA ALA B 75 -17.98 -8.65 15.88
C ALA B 75 -17.42 -7.27 15.58
N ARG B 76 -16.80 -6.61 16.57
CA ARG B 76 -16.30 -5.28 16.31
C ARG B 76 -15.14 -5.31 15.32
N ALA B 77 -14.20 -6.24 15.51
CA ALA B 77 -13.08 -6.33 14.58
C ALA B 77 -13.55 -6.63 13.17
N MET B 78 -14.63 -7.41 13.04
CA MET B 78 -15.17 -7.69 11.71
C MET B 78 -15.74 -6.43 11.07
N ARG B 79 -16.48 -5.62 11.84
CA ARG B 79 -16.91 -4.32 11.32
C ARG B 79 -15.72 -3.51 10.82
N VAL B 80 -14.66 -3.44 11.62
CA VAL B 80 -13.49 -2.67 11.23
C VAL B 80 -12.91 -3.19 9.92
N LEU B 81 -12.74 -4.51 9.81
CA LEU B 81 -12.16 -5.09 8.61
C LEU B 81 -13.04 -4.84 7.40
N LEU B 82 -14.35 -5.05 7.54
CA LEU B 82 -15.26 -4.86 6.41
C LEU B 82 -15.31 -3.41 5.97
N ASP B 83 -15.36 -2.47 6.92
CA ASP B 83 -15.36 -1.07 6.52
C ASP B 83 -14.04 -0.67 5.85
N ALA B 84 -12.92 -1.26 6.25
CA ALA B 84 -11.67 -1.00 5.55
C ALA B 84 -11.70 -1.53 4.13
N LEU B 85 -12.23 -2.74 3.95
CA LEU B 85 -12.38 -3.27 2.60
C LEU B 85 -13.28 -2.38 1.75
N TYR B 86 -14.35 -1.85 2.35
CA TYR B 86 -15.22 -0.92 1.65
C TYR B 86 -14.49 0.37 1.31
N ALA B 87 -13.67 0.89 2.23
CA ALA B 87 -12.88 2.08 1.95
C ALA B 87 -11.90 1.87 0.78
N TYR B 88 -11.43 0.66 0.60
CA TYR B 88 -10.57 0.30 -0.52
C TYR B 88 -11.35 -0.01 -1.80
N ASP B 89 -12.67 0.11 -1.78
N ASP B 89 -12.67 0.10 -1.76
CA ASP B 89 -13.52 -0.21 -2.94
CA ASP B 89 -13.51 -0.22 -2.91
C ASP B 89 -13.44 -1.68 -3.32
C ASP B 89 -13.30 -1.67 -3.35
N VAL B 90 -13.05 -2.55 -2.39
CA VAL B 90 -12.89 -3.97 -2.70
C VAL B 90 -14.22 -4.72 -2.55
N ILE B 91 -14.98 -4.38 -1.51
CA ILE B 91 -16.33 -4.90 -1.32
C ILE B 91 -17.30 -3.74 -1.40
N ASP B 92 -18.58 -4.07 -1.58
CA ASP B 92 -19.67 -3.11 -1.59
C ASP B 92 -20.38 -3.11 -0.24
N ARG B 93 -21.12 -2.03 0.01
CA ARG B 93 -21.84 -1.91 1.27
C ARG B 93 -23.06 -1.03 1.02
N ILE B 94 -24.22 -1.49 1.49
CA ILE B 94 -25.47 -0.74 1.44
C ILE B 94 -25.73 -0.23 2.84
N HIS B 95 -26.11 1.04 2.95
CA HIS B 95 -26.47 1.64 4.23
C HIS B 95 -27.89 2.17 4.09
N ASP B 96 -28.82 1.59 4.83
CA ASP B 96 -30.20 2.06 4.80
C ASP B 96 -30.72 2.07 6.23
N THR B 97 -32.02 2.23 6.40
CA THR B 97 -32.54 2.39 7.76
C THR B 97 -32.46 1.09 8.54
N ASN B 98 -32.16 -0.03 7.89
CA ASN B 98 -31.90 -1.27 8.58
C ASN B 98 -30.45 -1.43 9.00
N GLY B 99 -29.59 -0.49 8.65
CA GLY B 99 -28.19 -0.59 9.00
C GLY B 99 -27.32 -0.85 7.79
N PHE B 100 -26.23 -1.58 7.99
CA PHE B 100 -25.25 -1.85 6.96
C PHE B 100 -25.35 -3.29 6.52
N ARG B 101 -25.23 -3.51 5.20
CA ARG B 101 -25.09 -4.84 4.64
C ARG B 101 -23.92 -4.82 3.68
N TYR B 102 -23.06 -5.82 3.76
CA TYR B 102 -21.86 -5.94 2.95
C TYR B 102 -22.07 -7.03 1.90
N LEU B 103 -21.47 -6.84 0.72
CA LEU B 103 -21.70 -7.74 -0.40
C LEU B 103 -20.60 -7.55 -1.43
N LEU B 104 -20.55 -8.46 -2.40
CA LEU B 104 -19.63 -8.34 -3.52
C LEU B 104 -20.37 -7.98 -4.80
N SER B 105 -19.83 -7.02 -5.54
CA SER B 105 -20.26 -6.84 -6.91
C SER B 105 -19.87 -8.06 -7.75
N ALA B 106 -20.51 -8.20 -8.91
CA ALA B 106 -20.15 -9.31 -9.79
C ALA B 106 -18.68 -9.28 -10.18
N GLU B 107 -18.15 -8.09 -10.47
CA GLU B 107 -16.76 -7.99 -10.91
C GLU B 107 -15.83 -8.32 -9.75
N ALA B 108 -16.18 -7.88 -8.54
CA ALA B 108 -15.33 -8.21 -7.39
C ALA B 108 -15.40 -9.70 -7.08
N ARG B 109 -16.58 -10.32 -7.22
CA ARG B 109 -16.70 -11.76 -7.00
C ARG B 109 -15.73 -12.52 -7.89
N GLU B 110 -15.65 -12.15 -9.16
CA GLU B 110 -14.74 -12.81 -10.07
C GLU B 110 -13.29 -12.72 -9.62
N CYS B 111 -12.91 -11.61 -8.99
CA CYS B 111 -11.53 -11.39 -8.58
C CYS B 111 -11.18 -12.02 -7.24
N LEU B 112 -12.16 -12.21 -6.36
CA LEU B 112 -11.87 -12.48 -4.95
C LEU B 112 -12.15 -13.90 -4.50
N LEU B 113 -12.86 -14.68 -5.27
CA LEU B 113 -13.20 -16.04 -4.90
C LEU B 113 -12.24 -17.02 -5.56
N PRO B 114 -12.01 -18.18 -4.95
CA PRO B 114 -11.14 -19.17 -5.58
C PRO B 114 -11.81 -19.82 -6.78
N GLY B 115 -10.99 -20.20 -7.75
CA GLY B 115 -11.42 -21.06 -8.83
C GLY B 115 -12.07 -20.38 -10.00
N THR B 116 -12.21 -19.05 -9.95
CA THR B 116 -12.68 -18.32 -11.10
C THR B 116 -11.52 -18.06 -12.07
N LEU B 117 -11.87 -17.63 -13.27
CA LEU B 117 -10.84 -17.42 -14.28
C LEU B 117 -9.86 -16.33 -13.87
N PHE B 118 -10.36 -15.24 -13.28
CA PHE B 118 -9.51 -14.09 -12.97
C PHE B 118 -9.22 -13.96 -11.48
N SER B 119 -9.45 -15.02 -10.71
CA SER B 119 -9.22 -14.99 -9.28
C SER B 119 -7.84 -14.48 -8.93
N LEU B 120 -7.77 -13.59 -7.95
CA LEU B 120 -6.51 -13.16 -7.35
C LEU B 120 -6.09 -14.00 -6.16
N VAL B 121 -6.82 -15.06 -5.84
CA VAL B 121 -6.47 -15.87 -4.68
C VAL B 121 -5.02 -16.36 -4.77
N GLY B 122 -4.58 -16.77 -5.96
CA GLY B 122 -3.20 -17.22 -6.10
C GLY B 122 -2.18 -16.15 -5.80
N LYS B 123 -2.52 -14.88 -6.11
CA LYS B 123 -1.68 -13.74 -5.73
C LYS B 123 -1.72 -13.50 -4.22
N PHE B 124 -2.92 -13.56 -3.61
CA PHE B 124 -2.99 -13.47 -2.16
C PHE B 124 -2.07 -14.51 -1.50
N MET B 125 -2.16 -15.76 -1.96
CA MET B 125 -1.40 -16.84 -1.35
C MET B 125 0.09 -16.69 -1.64
N HIS B 126 0.45 -16.23 -2.84
CA HIS B 126 1.84 -15.96 -3.12
C HIS B 126 2.41 -14.91 -2.17
N ASP B 127 1.66 -13.84 -1.92
CA ASP B 127 2.13 -12.84 -0.97
C ASP B 127 2.29 -13.45 0.42
N ILE B 128 1.24 -14.16 0.88
CA ILE B 128 1.27 -14.71 2.24
C ILE B 128 2.43 -15.68 2.40
N ASN B 129 2.62 -16.59 1.43
CA ASN B 129 3.56 -17.68 1.61
C ASN B 129 4.98 -17.31 1.22
N VAL B 130 5.16 -16.40 0.25
CA VAL B 130 6.46 -16.16 -0.36
C VAL B 130 6.85 -14.70 -0.23
N ALA B 131 6.05 -13.78 -0.79
CA ALA B 131 6.56 -12.42 -1.01
C ALA B 131 6.64 -11.63 0.30
N TRP B 132 5.63 -11.73 1.15
N TRP B 132 5.60 -11.72 1.17
CA TRP B 132 5.63 -10.93 2.37
CA TRP B 132 5.56 -10.98 2.44
C TRP B 132 6.82 -11.23 3.26
C TRP B 132 6.86 -11.22 3.21
N PRO B 133 7.16 -12.48 3.57
CA PRO B 133 8.37 -12.71 4.37
C PRO B 133 9.64 -12.24 3.67
N ALA B 134 9.70 -12.37 2.33
CA ALA B 134 10.88 -11.90 1.62
C ALA B 134 11.01 -10.38 1.68
N TRP B 135 9.90 -9.65 1.50
CA TRP B 135 10.00 -8.20 1.46
C TRP B 135 10.59 -7.62 2.75
N ARG B 136 10.29 -8.26 3.90
N ARG B 136 10.30 -8.21 3.91
CA ARG B 136 10.82 -7.85 5.18
CA ARG B 136 10.88 -7.63 5.11
C ARG B 136 12.32 -8.05 5.28
C ARG B 136 12.40 -7.83 5.17
N ASN B 137 12.91 -8.85 4.37
N ASN B 137 12.91 -8.81 4.43
CA ASN B 137 14.33 -9.14 4.37
CA ASN B 137 14.33 -9.14 4.37
C ASN B 137 15.03 -8.55 3.15
C ASN B 137 15.03 -8.54 3.17
N LEU B 138 14.39 -7.58 2.49
CA LEU B 138 14.95 -7.04 1.25
C LEU B 138 16.35 -6.49 1.45
N ALA B 139 16.63 -5.86 2.60
CA ALA B 139 17.95 -5.27 2.79
C ALA B 139 19.05 -6.30 2.65
N GLU B 140 18.79 -7.54 3.10
N GLU B 140 18.80 -7.54 3.09
CA GLU B 140 19.82 -8.58 3.04
CA GLU B 140 19.85 -8.56 3.04
C GLU B 140 20.18 -8.93 1.61
C GLU B 140 20.18 -8.94 1.60
N VAL B 141 19.17 -9.02 0.73
CA VAL B 141 19.43 -9.35 -0.67
C VAL B 141 20.15 -8.20 -1.38
N VAL B 142 19.82 -6.96 -1.02
CA VAL B 142 20.55 -5.84 -1.62
C VAL B 142 22.01 -5.86 -1.18
N ARG B 143 22.27 -6.20 0.09
CA ARG B 143 23.66 -6.28 0.55
C ARG B 143 24.44 -7.33 -0.22
N HIS B 144 23.89 -8.53 -0.36
CA HIS B 144 24.67 -9.64 -0.90
C HIS B 144 24.52 -9.80 -2.41
N GLY B 145 23.45 -9.30 -2.99
CA GLY B 145 23.18 -9.44 -4.40
C GLY B 145 22.43 -10.72 -4.71
N ALA B 146 21.76 -10.72 -5.87
CA ALA B 146 21.02 -11.88 -6.37
C ALA B 146 21.98 -12.75 -7.16
N ARG B 147 22.88 -13.41 -6.43
CA ARG B 147 24.02 -14.09 -7.00
C ARG B 147 24.14 -15.49 -6.43
N ASP B 148 24.67 -16.41 -7.25
CA ASP B 148 24.84 -17.79 -6.83
C ASP B 148 26.17 -17.96 -6.11
N THR B 149 26.41 -19.18 -5.61
CA THR B 149 27.61 -19.45 -4.83
C THR B 149 28.89 -19.24 -5.63
N SER B 150 28.81 -19.33 -6.95
CA SER B 150 29.97 -19.05 -7.80
C SER B 150 30.17 -17.57 -8.08
N GLY B 151 29.21 -16.72 -7.73
CA GLY B 151 29.33 -15.30 -7.96
C GLY B 151 28.60 -14.77 -9.18
N ALA B 152 28.00 -15.64 -9.98
CA ALA B 152 27.29 -15.22 -11.16
C ALA B 152 25.87 -14.79 -10.80
N GLU B 153 25.30 -13.93 -11.64
CA GLU B 153 23.92 -13.52 -11.45
C GLU B 153 23.04 -14.76 -11.42
N SER B 154 22.03 -14.76 -10.55
N SER B 154 22.02 -14.76 -10.55
CA SER B 154 21.12 -15.88 -10.48
CA SER B 154 21.11 -15.88 -10.44
C SER B 154 19.77 -15.53 -11.12
C SER B 154 19.76 -15.54 -11.07
N PRO B 155 19.10 -16.49 -11.72
CA PRO B 155 17.74 -16.25 -12.20
C PRO B 155 16.81 -16.11 -11.01
N ASN B 156 15.60 -15.66 -11.29
CA ASN B 156 14.63 -15.50 -10.22
C ASN B 156 14.41 -16.83 -9.51
N GLY B 157 14.14 -16.74 -8.21
CA GLY B 157 14.04 -17.92 -7.36
C GLY B 157 12.68 -18.50 -7.07
N ILE B 158 11.60 -17.89 -7.54
CA ILE B 158 10.28 -18.47 -7.31
C ILE B 158 10.24 -19.86 -7.91
N ALA B 159 9.80 -20.83 -7.12
CA ALA B 159 9.88 -22.23 -7.49
C ALA B 159 8.58 -22.71 -8.11
N GLN B 160 8.65 -23.85 -8.79
CA GLN B 160 7.47 -24.37 -9.48
C GLN B 160 6.30 -24.60 -8.52
N GLU B 161 6.58 -25.04 -7.29
CA GLU B 161 5.48 -25.26 -6.36
C GLU B 161 4.82 -23.95 -5.98
N ASP B 162 5.59 -22.86 -5.97
CA ASP B 162 5.01 -21.55 -5.74
C ASP B 162 4.20 -21.07 -6.95
N TYR B 163 4.68 -21.37 -8.17
CA TYR B 163 3.91 -21.01 -9.35
C TYR B 163 2.57 -21.73 -9.43
N GLU B 164 2.44 -22.91 -8.81
CA GLU B 164 1.15 -23.60 -8.83
C GLU B 164 0.00 -22.73 -8.32
N SER B 165 0.26 -21.90 -7.30
CA SER B 165 -0.72 -20.92 -6.84
C SER B 165 -0.69 -19.65 -7.69
N LEU B 166 0.50 -19.12 -7.91
CA LEU B 166 0.59 -17.79 -8.47
C LEU B 166 0.06 -17.70 -9.89
N VAL B 167 0.22 -18.73 -10.72
CA VAL B 167 -0.11 -18.56 -12.15
C VAL B 167 -1.58 -18.20 -12.36
N GLY B 168 -2.49 -18.80 -11.61
CA GLY B 168 -3.90 -18.43 -11.74
C GLY B 168 -4.17 -17.02 -11.25
N GLY B 169 -3.35 -16.55 -10.31
CA GLY B 169 -3.46 -15.22 -9.76
C GLY B 169 -2.99 -14.09 -10.67
N ILE B 170 -2.36 -14.40 -11.81
CA ILE B 170 -1.97 -13.40 -12.79
C ILE B 170 -2.70 -13.57 -14.10
N ASN B 171 -3.73 -14.41 -14.14
CA ASN B 171 -4.55 -14.52 -15.35
C ASN B 171 -5.15 -13.18 -15.76
N PHE B 172 -5.45 -12.32 -14.78
CA PHE B 172 -6.11 -11.05 -15.06
C PHE B 172 -5.32 -10.16 -16.03
N TRP B 173 -4.00 -10.35 -16.12
CA TRP B 173 -3.21 -9.54 -17.05
C TRP B 173 -3.54 -9.87 -18.50
N ALA B 174 -3.95 -11.11 -18.79
CA ALA B 174 -3.94 -11.60 -20.15
C ALA B 174 -4.92 -10.94 -21.11
N PRO B 175 -6.18 -10.70 -20.77
CA PRO B 175 -7.13 -10.27 -21.83
C PRO B 175 -6.72 -8.98 -22.52
N PRO B 176 -6.29 -7.94 -21.81
CA PRO B 176 -5.87 -6.71 -22.52
C PRO B 176 -4.67 -6.95 -23.42
N ILE B 177 -3.74 -7.79 -22.97
CA ILE B 177 -2.56 -8.10 -23.76
C ILE B 177 -2.93 -8.86 -25.03
N VAL B 178 -3.76 -9.90 -24.90
CA VAL B 178 -4.12 -10.70 -26.06
C VAL B 178 -4.95 -9.91 -27.07
N THR B 179 -5.85 -9.05 -26.60
N THR B 179 -5.85 -9.05 -26.59
CA THR B 179 -6.62 -8.26 -27.56
CA THR B 179 -6.63 -8.22 -27.50
C THR B 179 -5.72 -7.30 -28.34
C THR B 179 -5.72 -7.32 -28.31
N THR B 180 -4.76 -6.66 -27.65
CA THR B 180 -3.81 -5.79 -28.33
C THR B 180 -2.99 -6.59 -29.34
N LEU B 181 -2.47 -7.74 -28.90
CA LEU B 181 -1.68 -8.57 -29.80
C LEU B 181 -2.49 -9.05 -31.00
N SER B 182 -3.72 -9.50 -30.75
CA SER B 182 -4.55 -10.03 -31.83
C SER B 182 -4.84 -8.96 -32.87
N ARG B 183 -5.14 -7.73 -32.45
N ARG B 183 -5.15 -7.73 -32.43
CA ARG B 183 -5.39 -6.68 -33.44
CA ARG B 183 -5.43 -6.66 -33.38
C ARG B 183 -4.17 -6.47 -34.33
C ARG B 183 -4.23 -6.40 -34.28
N LYS B 184 -2.97 -6.47 -33.74
N LYS B 184 -3.02 -6.49 -33.71
CA LYS B 184 -1.77 -6.27 -34.55
CA LYS B 184 -1.81 -6.28 -34.51
C LYS B 184 -1.49 -7.45 -35.46
C LYS B 184 -1.59 -7.43 -35.47
N LEU B 185 -1.85 -8.67 -35.03
CA LEU B 185 -1.65 -9.82 -35.90
C LEU B 185 -2.64 -9.80 -37.05
N ARG B 186 -3.89 -9.39 -36.80
CA ARG B 186 -4.84 -9.26 -37.90
C ARG B 186 -4.46 -8.13 -38.85
N ALA B 187 -4.04 -6.97 -38.32
CA ALA B 187 -3.52 -5.94 -39.20
C ALA B 187 -2.25 -6.37 -39.92
N SER B 188 -1.62 -7.47 -39.51
CA SER B 188 -0.45 -8.01 -40.18
C SER B 188 -0.77 -9.13 -41.17
N GLY B 189 -2.02 -9.19 -41.63
CA GLY B 189 -2.45 -10.23 -42.55
C GLY B 189 -2.65 -11.62 -41.97
N ARG B 190 -2.54 -11.78 -40.66
CA ARG B 190 -2.84 -13.07 -40.04
C ARG B 190 -4.34 -13.07 -39.79
N SER B 191 -5.05 -14.00 -40.41
CA SER B 191 -6.50 -13.99 -40.31
C SER B 191 -6.98 -15.25 -39.60
N GLY B 192 -8.22 -15.17 -39.12
CA GLY B 192 -8.99 -16.36 -38.87
C GLY B 192 -9.05 -17.20 -40.13
N ASP B 193 -9.59 -18.40 -40.03
CA ASP B 193 -9.77 -19.28 -41.19
C ASP B 193 -8.47 -19.73 -41.85
N ALA B 194 -7.33 -19.20 -41.42
CA ALA B 194 -6.02 -19.72 -41.81
C ALA B 194 -5.41 -20.38 -40.59
N THR B 195 -4.76 -21.52 -40.79
N THR B 195 -4.77 -21.52 -40.79
CA THR B 195 -4.16 -22.24 -39.68
CA THR B 195 -4.20 -22.21 -39.64
C THR B 195 -2.83 -21.61 -39.30
C THR B 195 -2.83 -21.61 -39.29
N ALA B 196 -2.47 -21.78 -38.02
CA ALA B 196 -1.19 -21.31 -37.51
C ALA B 196 -0.90 -22.08 -36.24
N SER B 197 0.39 -22.14 -35.88
CA SER B 197 0.84 -22.86 -34.71
C SER B 197 1.53 -21.92 -33.74
N VAL B 198 1.09 -21.94 -32.48
CA VAL B 198 1.63 -21.09 -31.41
C VAL B 198 2.42 -21.94 -30.43
N LEU B 199 3.57 -21.43 -30.00
CA LEU B 199 4.31 -22.00 -28.89
C LEU B 199 4.30 -20.99 -27.75
N ASP B 200 3.84 -21.41 -26.58
CA ASP B 200 3.68 -20.55 -25.40
C ASP B 200 4.68 -21.04 -24.36
N VAL B 201 5.81 -20.35 -24.22
CA VAL B 201 6.94 -20.84 -23.44
C VAL B 201 6.76 -20.41 -21.98
N GLY B 202 6.68 -21.38 -21.06
CA GLY B 202 6.34 -21.05 -19.68
C GLY B 202 4.91 -20.55 -19.60
N CYS B 203 3.98 -21.36 -20.10
CA CYS B 203 2.63 -20.90 -20.39
C CYS B 203 1.80 -20.60 -19.15
N GLY B 204 2.20 -21.08 -17.98
CA GLY B 204 1.33 -20.90 -16.82
C GLY B 204 0.01 -21.62 -17.03
N THR B 205 -1.10 -20.94 -16.73
CA THR B 205 -2.42 -21.53 -16.95
C THR B 205 -2.73 -21.70 -18.44
N GLY B 206 -1.94 -21.11 -19.32
CA GLY B 206 -2.22 -21.19 -20.73
C GLY B 206 -3.20 -20.16 -21.23
N LEU B 207 -3.61 -19.20 -20.40
CA LEU B 207 -4.67 -18.29 -20.80
C LEU B 207 -4.31 -17.48 -22.04
N TYR B 208 -3.05 -17.07 -22.20
CA TYR B 208 -2.72 -16.27 -23.37
C TYR B 208 -2.96 -17.07 -24.65
N SER B 209 -2.44 -18.30 -24.70
CA SER B 209 -2.69 -19.23 -25.79
C SER B 209 -4.17 -19.45 -26.00
N GLN B 210 -4.88 -19.72 -24.91
CA GLN B 210 -6.29 -20.09 -25.02
C GLN B 210 -7.14 -18.94 -25.53
N LEU B 211 -6.84 -17.70 -25.12
CA LEU B 211 -7.55 -16.55 -25.70
C LEU B 211 -7.22 -16.36 -27.17
N LEU B 212 -5.96 -16.59 -27.55
CA LEU B 212 -5.63 -16.58 -28.97
C LEU B 212 -6.42 -17.64 -29.73
N LEU B 213 -6.56 -18.85 -29.16
CA LEU B 213 -7.33 -19.91 -29.82
C LEU B 213 -8.78 -19.51 -30.00
N ARG B 214 -9.35 -18.80 -29.04
CA ARG B 214 -10.73 -18.33 -29.21
C ARG B 214 -10.85 -17.29 -30.30
N GLU B 215 -9.83 -16.43 -30.43
CA GLU B 215 -9.83 -15.37 -31.42
C GLU B 215 -9.58 -15.89 -32.82
N PHE B 216 -8.76 -16.94 -32.94
CA PHE B 216 -8.31 -17.50 -34.21
C PHE B 216 -8.72 -18.97 -34.23
N PRO B 217 -9.94 -19.30 -34.69
CA PRO B 217 -10.49 -20.64 -34.46
C PRO B 217 -9.77 -21.79 -35.17
N ARG B 218 -8.90 -21.53 -36.13
CA ARG B 218 -8.16 -22.61 -36.79
C ARG B 218 -6.75 -22.77 -36.26
N TRP B 219 -6.32 -21.93 -35.32
CA TRP B 219 -4.98 -22.05 -34.79
C TRP B 219 -4.88 -23.18 -33.77
N THR B 220 -3.66 -23.66 -33.57
CA THR B 220 -3.35 -24.55 -32.47
C THR B 220 -2.25 -23.93 -31.62
N ALA B 221 -2.17 -24.38 -30.38
CA ALA B 221 -1.17 -23.86 -29.46
C ALA B 221 -0.60 -24.99 -28.61
N THR B 222 0.69 -24.89 -28.33
CA THR B 222 1.40 -25.81 -27.46
C THR B 222 2.04 -25.01 -26.34
N GLY B 223 1.72 -25.37 -25.09
CA GLY B 223 2.29 -24.72 -23.93
C GLY B 223 3.41 -25.54 -23.33
N LEU B 224 4.52 -24.87 -23.01
CA LEU B 224 5.63 -25.49 -22.27
C LEU B 224 5.57 -25.03 -20.81
N ASP B 225 5.51 -25.98 -19.89
CA ASP B 225 5.60 -25.67 -18.46
C ASP B 225 5.89 -26.95 -17.71
N VAL B 226 6.06 -26.85 -16.39
CA VAL B 226 6.32 -28.04 -15.58
C VAL B 226 5.04 -28.85 -15.42
N GLU B 227 5.22 -30.11 -15.02
CA GLU B 227 4.16 -31.11 -14.92
C GLU B 227 2.88 -30.58 -14.30
N ARG B 228 2.97 -30.09 -13.06
CA ARG B 228 1.76 -29.77 -12.31
C ARG B 228 1.08 -28.53 -12.87
N ILE B 229 1.85 -27.65 -13.52
N ILE B 229 1.83 -27.66 -13.54
CA ILE B 229 1.27 -26.47 -14.14
CA ILE B 229 1.19 -26.49 -14.12
C ILE B 229 0.59 -26.84 -15.45
C ILE B 229 0.59 -26.81 -15.48
N ALA B 230 1.20 -27.72 -16.23
CA ALA B 230 0.57 -28.20 -17.46
C ALA B 230 -0.80 -28.79 -17.16
N THR B 231 -0.94 -29.52 -16.04
CA THR B 231 -2.24 -30.05 -15.66
C THR B 231 -3.26 -28.92 -15.50
N LEU B 232 -2.88 -27.85 -14.80
CA LEU B 232 -3.75 -26.70 -14.65
C LEU B 232 -4.12 -26.12 -16.01
N ALA B 233 -3.14 -26.02 -16.91
CA ALA B 233 -3.38 -25.37 -18.20
C ALA B 233 -4.38 -26.16 -19.04
N ASN B 234 -4.24 -27.48 -19.06
CA ASN B 234 -5.19 -28.31 -19.80
C ASN B 234 -6.59 -28.21 -19.20
N ALA B 235 -6.72 -28.19 -17.88
CA ALA B 235 -8.05 -28.05 -17.30
C ALA B 235 -8.69 -26.73 -17.70
N GLN B 236 -7.90 -25.67 -17.75
CA GLN B 236 -8.45 -24.36 -18.12
C GLN B 236 -8.83 -24.30 -19.59
N ALA B 237 -8.02 -24.92 -20.46
CA ALA B 237 -8.38 -24.97 -21.87
C ALA B 237 -9.72 -25.65 -22.05
N LEU B 238 -9.95 -26.71 -21.28
CA LEU B 238 -11.21 -27.44 -21.32
C LEU B 238 -12.36 -26.54 -20.86
N ARG B 239 -12.16 -25.75 -19.79
N ARG B 239 -12.16 -25.76 -19.79
CA ARG B 239 -13.22 -24.84 -19.37
CA ARG B 239 -13.20 -24.83 -19.36
C ARG B 239 -13.51 -23.81 -20.44
C ARG B 239 -13.52 -23.83 -20.46
N LEU B 240 -12.51 -23.42 -21.21
CA LEU B 240 -12.67 -22.37 -22.23
C LEU B 240 -13.08 -22.92 -23.59
N GLY B 241 -13.21 -24.24 -23.72
CA GLY B 241 -13.70 -24.82 -24.95
C GLY B 241 -12.70 -24.86 -26.08
N VAL B 242 -11.41 -24.84 -25.78
CA VAL B 242 -10.36 -24.88 -26.79
C VAL B 242 -9.44 -26.10 -26.60
N GLU B 243 -9.87 -27.07 -25.80
CA GLU B 243 -9.01 -28.19 -25.48
C GLU B 243 -8.55 -28.94 -26.72
N GLU B 244 -9.39 -29.03 -27.77
CA GLU B 244 -8.99 -29.80 -28.95
C GLU B 244 -7.82 -29.19 -29.70
N ARG B 245 -7.52 -27.91 -29.45
CA ARG B 245 -6.48 -27.18 -30.16
C ARG B 245 -5.38 -26.69 -29.23
N PHE B 246 -5.38 -27.12 -27.97
CA PHE B 246 -4.37 -26.75 -27.00
C PHE B 246 -3.70 -28.01 -26.48
N ALA B 247 -2.37 -28.06 -26.57
CA ALA B 247 -1.59 -29.17 -26.04
C ALA B 247 -0.54 -28.62 -25.10
N THR B 248 -0.01 -29.47 -24.23
CA THR B 248 1.11 -29.12 -23.38
C THR B 248 2.27 -30.11 -23.55
N ARG B 249 3.50 -29.61 -23.35
N ARG B 249 3.46 -29.61 -23.28
CA ARG B 249 4.69 -30.45 -23.24
CA ARG B 249 4.68 -30.41 -23.25
C ARG B 249 5.38 -30.13 -21.92
N ALA B 250 5.13 -31.09 -21.01
N ALA B 250 5.51 -31.12 -21.05
CA ALA B 250 5.47 -30.95 -19.60
CA ALA B 250 6.20 -30.86 -19.79
C ALA B 250 6.95 -31.19 -19.36
C ALA B 250 7.71 -30.92 -19.98
N GLY B 251 7.57 -30.28 -18.62
N GLY B 251 8.41 -30.01 -19.33
CA GLY B 251 8.92 -30.46 -18.13
CA GLY B 251 9.86 -30.01 -19.37
C GLY B 251 9.73 -29.18 -18.18
C GLY B 251 10.43 -28.65 -19.06
N ASP B 252 10.94 -29.24 -17.66
N ASP B 252 11.75 -28.65 -18.87
CA ASP B 252 11.86 -28.11 -17.68
CA ASP B 252 12.53 -27.42 -18.66
C ASP B 252 12.15 -27.73 -19.13
C ASP B 252 12.80 -26.77 -20.00
N PHE B 253 11.80 -26.49 -19.50
N PHE B 253 12.19 -25.60 -20.25
CA PHE B 253 11.99 -26.12 -20.90
CA PHE B 253 12.31 -24.98 -21.57
C PHE B 253 13.47 -25.97 -21.27
C PHE B 253 13.69 -24.40 -21.85
N TRP B 254 14.38 -25.94 -20.28
N TRP B 254 14.54 -24.26 -20.82
CA TRP B 254 15.81 -25.96 -20.61
CA TRP B 254 15.90 -23.76 -21.04
C TRP B 254 16.30 -27.31 -21.13
C TRP B 254 16.70 -24.68 -21.95
N ARG B 255 15.47 -28.34 -21.05
N ARG B 255 16.30 -25.95 -22.09
CA ARG B 255 15.79 -29.65 -21.61
CA ARG B 255 17.05 -26.87 -22.94
C ARG B 255 15.49 -29.71 -23.10
C ARG B 255 16.97 -26.52 -24.41
N GLY B 256 14.94 -28.63 -23.66
N GLY B 256 15.96 -25.76 -24.82
CA GLY B 256 14.49 -28.61 -25.04
CA GLY B 256 15.68 -25.55 -26.23
C GLY B 256 13.21 -29.38 -25.27
C GLY B 256 15.21 -26.81 -26.95
N GLY B 257 13.15 -30.08 -26.40
N GLY B 257 15.46 -26.84 -28.25
CA GLY B 257 11.92 -30.65 -26.93
CA GLY B 257 14.92 -27.94 -29.05
C GLY B 257 10.81 -29.67 -27.21
C GLY B 257 13.41 -27.94 -29.07
N TRP B 258 11.15 -28.47 -27.73
N TRP B 258 12.80 -26.79 -29.26
CA TRP B 258 10.15 -27.46 -28.02
CA TRP B 258 11.36 -26.65 -29.06
C TRP B 258 9.32 -27.71 -29.30
C TRP B 258 10.57 -27.16 -30.24
N GLY B 259 9.88 -28.39 -30.33
N GLY B 259 11.24 -27.54 -31.30
CA GLY B 259 9.30 -28.43 -31.68
CA GLY B 259 10.61 -28.06 -32.46
C GLY B 259 9.85 -27.37 -32.64
C GLY B 259 10.79 -27.12 -33.61
N THR B 260 9.27 -27.28 -33.86
N THR B 260 9.90 -27.24 -34.56
CA THR B 260 9.65 -26.36 -34.95
CA THR B 260 10.07 -26.53 -35.79
C THR B 260 8.45 -25.92 -35.81
C THR B 260 8.67 -26.08 -36.15
N GLY B 261 8.65 -24.93 -36.75
CA GLY B 261 7.53 -24.50 -37.54
C GLY B 261 6.51 -23.62 -36.87
N TYR B 262 6.85 -22.99 -35.76
CA TYR B 262 5.86 -22.15 -35.07
C TYR B 262 5.73 -20.79 -35.73
N ASP B 263 4.48 -20.36 -35.93
CA ASP B 263 4.17 -19.05 -36.47
C ASP B 263 4.32 -17.96 -35.42
N LEU B 264 4.12 -18.30 -34.16
CA LEU B 264 4.18 -17.34 -33.08
C LEU B 264 4.82 -18.07 -31.90
N VAL B 265 5.88 -17.48 -31.36
CA VAL B 265 6.50 -17.96 -30.12
C VAL B 265 6.28 -16.88 -29.08
N LEU B 266 5.54 -17.20 -28.02
CA LEU B 266 5.15 -16.24 -27.00
C LEU B 266 5.93 -16.45 -25.73
N PHE B 267 6.49 -15.35 -25.21
CA PHE B 267 7.11 -15.30 -23.90
C PHE B 267 6.38 -14.22 -23.08
N ALA B 268 5.41 -14.63 -22.28
CA ALA B 268 4.70 -13.69 -21.42
C ALA B 268 5.21 -13.87 -19.99
N ASN B 269 5.78 -12.81 -19.43
CA ASN B 269 6.23 -12.83 -18.04
C ASN B 269 7.31 -13.89 -17.79
N ILE B 270 8.21 -14.04 -18.76
CA ILE B 270 9.31 -15.01 -18.70
C ILE B 270 10.66 -14.32 -18.63
N PHE B 271 10.91 -13.36 -19.50
CA PHE B 271 12.24 -12.75 -19.56
C PHE B 271 12.62 -12.06 -18.26
N HIS B 272 11.66 -11.49 -17.54
CA HIS B 272 12.04 -10.86 -16.28
C HIS B 272 12.59 -11.84 -15.24
N LEU B 273 12.35 -13.14 -15.42
CA LEU B 273 12.89 -14.16 -14.52
C LEU B 273 14.34 -14.50 -14.83
N GLN B 274 14.84 -14.09 -16.00
CA GLN B 274 16.10 -14.58 -16.54
C GLN B 274 17.28 -13.73 -16.07
N THR B 275 18.47 -14.29 -16.27
CA THR B 275 19.70 -13.52 -16.32
C THR B 275 19.97 -13.12 -17.77
N PRO B 276 20.87 -12.18 -18.01
CA PRO B 276 21.23 -11.88 -19.40
C PRO B 276 21.71 -13.11 -20.14
N ALA B 277 22.50 -13.96 -19.47
CA ALA B 277 22.99 -15.17 -20.13
C ALA B 277 21.86 -16.13 -20.48
N SER B 278 20.91 -16.34 -19.57
CA SER B 278 19.83 -17.26 -19.88
C SER B 278 18.85 -16.65 -20.88
N ALA B 279 18.69 -15.32 -20.84
CA ALA B 279 17.80 -14.64 -21.77
C ALA B 279 18.27 -14.78 -23.22
N VAL B 280 19.55 -14.57 -23.47
CA VAL B 280 20.02 -14.67 -24.85
C VAL B 280 19.87 -16.09 -25.36
N ARG B 281 20.09 -17.08 -24.49
N ARG B 281 20.11 -17.08 -24.50
CA ARG B 281 19.92 -18.47 -24.90
CA ARG B 281 19.92 -18.48 -24.87
C ARG B 281 18.46 -18.77 -25.25
C ARG B 281 18.47 -18.74 -25.26
N LEU B 282 17.52 -18.27 -24.44
CA LEU B 282 16.12 -18.47 -24.76
C LEU B 282 15.77 -17.85 -26.10
N MET B 283 16.28 -16.64 -26.36
CA MET B 283 15.97 -15.96 -27.61
C MET B 283 16.49 -16.74 -28.81
N ARG B 284 17.69 -17.33 -28.68
CA ARG B 284 18.22 -18.15 -29.76
C ARG B 284 17.37 -19.40 -29.97
N HIS B 285 16.90 -20.02 -28.88
CA HIS B 285 16.02 -21.17 -29.03
C HIS B 285 14.75 -20.79 -29.77
N ALA B 286 14.18 -19.63 -29.42
CA ALA B 286 12.95 -19.21 -30.08
C ALA B 286 13.18 -19.04 -31.58
N ALA B 287 14.28 -18.38 -31.96
CA ALA B 287 14.51 -18.17 -33.37
C ALA B 287 14.59 -19.48 -34.13
N ALA B 288 15.20 -20.49 -33.51
CA ALA B 288 15.40 -21.76 -34.19
C ALA B 288 14.10 -22.51 -34.43
N CYS B 289 13.07 -22.19 -33.67
N CYS B 289 13.03 -22.25 -33.68
CA CYS B 289 11.80 -22.88 -33.70
CA CYS B 289 11.80 -22.99 -33.91
C CYS B 289 10.76 -22.16 -34.56
C CYS B 289 10.81 -22.26 -34.79
N LEU B 290 11.12 -21.03 -35.19
CA LEU B 290 10.19 -20.27 -35.99
C LEU B 290 10.00 -20.81 -37.39
N ALA B 291 8.75 -20.73 -37.86
CA ALA B 291 8.43 -20.94 -39.25
C ALA B 291 8.96 -19.76 -40.05
N PRO B 292 9.03 -19.90 -41.37
CA PRO B 292 9.11 -18.70 -42.23
C PRO B 292 7.99 -17.73 -41.92
N ASP B 293 8.36 -16.46 -41.78
CA ASP B 293 7.45 -15.37 -41.47
C ASP B 293 6.90 -15.47 -40.05
N GLY B 294 7.49 -16.30 -39.19
CA GLY B 294 7.05 -16.38 -37.80
C GLY B 294 7.48 -15.19 -36.98
N LEU B 295 6.78 -15.00 -35.85
CA LEU B 295 7.06 -13.91 -34.93
C LEU B 295 7.39 -14.42 -33.54
N VAL B 296 8.31 -13.73 -32.87
CA VAL B 296 8.50 -13.85 -31.44
C VAL B 296 7.80 -12.67 -30.78
N ALA B 297 7.00 -12.95 -29.76
CA ALA B 297 6.32 -11.93 -28.97
C ALA B 297 6.83 -12.01 -27.54
N VAL B 298 7.45 -10.94 -27.06
CA VAL B 298 7.85 -10.79 -25.68
C VAL B 298 6.86 -9.87 -24.99
N VAL B 299 6.23 -10.32 -23.91
CA VAL B 299 5.31 -9.51 -23.11
C VAL B 299 5.97 -9.40 -21.74
N ASP B 300 6.40 -8.21 -21.36
CA ASP B 300 7.21 -8.08 -20.15
C ASP B 300 7.19 -6.65 -19.66
N GLN B 301 7.94 -6.41 -18.58
N GLN B 301 7.90 -6.42 -18.55
CA GLN B 301 8.15 -5.10 -17.97
CA GLN B 301 8.10 -5.09 -17.98
C GLN B 301 9.41 -4.54 -18.59
C GLN B 301 9.40 -4.54 -18.58
N ILE B 302 9.25 -3.66 -19.56
CA ILE B 302 10.36 -3.22 -20.40
C ILE B 302 10.44 -1.70 -20.30
N VAL B 303 11.67 -1.20 -20.20
CA VAL B 303 11.92 0.23 -20.01
C VAL B 303 13.12 0.63 -20.84
N ASP B 304 13.19 1.91 -21.20
CA ASP B 304 14.40 2.42 -21.83
C ASP B 304 15.56 2.36 -20.85
N ALA B 305 16.77 2.27 -21.41
CA ALA B 305 17.97 2.30 -20.58
C ALA B 305 18.07 3.53 -19.70
N ASP B 306 17.38 4.62 -20.04
CA ASP B 306 17.42 5.78 -19.16
C ASP B 306 16.66 5.53 -17.86
N ARG B 307 15.80 4.51 -17.85
N ARG B 307 15.80 4.52 -17.85
CA ARG B 307 15.07 4.10 -16.66
CA ARG B 307 15.07 4.12 -16.64
C ARG B 307 14.37 5.27 -15.99
C ARG B 307 14.38 5.30 -15.99
N GLU B 308 13.70 6.10 -16.82
CA GLU B 308 12.87 7.21 -16.36
C GLU B 308 11.43 6.76 -16.22
N PRO B 309 10.78 7.07 -15.12
CA PRO B 309 9.39 6.62 -14.90
C PRO B 309 8.38 7.55 -15.58
N LYS B 310 8.46 7.62 -16.91
CA LYS B 310 7.71 8.60 -17.69
C LYS B 310 6.25 8.20 -17.91
N THR B 311 5.92 6.93 -17.82
CA THR B 311 4.57 6.41 -18.01
C THR B 311 4.27 5.42 -16.89
N PRO B 312 3.01 5.02 -16.75
CA PRO B 312 2.71 3.98 -15.75
C PRO B 312 3.48 2.70 -16.01
N GLN B 313 3.65 2.31 -17.28
CA GLN B 313 4.35 1.06 -17.57
C GLN B 313 5.82 1.16 -17.17
N ASP B 314 6.44 2.31 -17.40
CA ASP B 314 7.82 2.50 -16.98
C ASP B 314 7.93 2.46 -15.47
N ARG B 315 7.01 3.14 -14.79
N ARG B 315 7.02 3.17 -14.79
CA ARG B 315 7.05 3.18 -13.34
CA ARG B 315 7.01 3.18 -13.33
C ARG B 315 6.86 1.78 -12.74
C ARG B 315 6.89 1.76 -12.78
N PHE B 316 5.88 1.03 -13.27
CA PHE B 316 5.67 -0.33 -12.80
C PHE B 316 6.89 -1.19 -13.09
N ALA B 317 7.50 -1.03 -14.26
CA ALA B 317 8.67 -1.84 -14.57
C ALA B 317 9.78 -1.66 -13.55
N LEU B 318 10.06 -0.41 -13.16
CA LEU B 318 11.12 -0.16 -12.19
C LEU B 318 10.78 -0.82 -10.85
N LEU B 319 9.52 -0.78 -10.46
CA LEU B 319 9.13 -1.46 -9.22
C LEU B 319 9.18 -2.97 -9.38
N PHE B 320 8.79 -3.48 -10.55
CA PHE B 320 8.80 -4.93 -10.75
C PHE B 320 10.21 -5.48 -10.66
N ALA B 321 11.20 -4.70 -11.08
CA ALA B 321 12.58 -5.13 -10.90
C ALA B 321 12.89 -5.39 -9.43
N ALA B 322 12.36 -4.54 -8.55
CA ALA B 322 12.55 -4.77 -7.12
C ALA B 322 11.83 -6.05 -6.66
N SER B 323 10.64 -6.33 -7.21
CA SER B 323 9.95 -7.58 -6.86
C SER B 323 10.77 -8.81 -7.29
N MET B 324 11.45 -8.72 -8.43
CA MET B 324 12.34 -9.79 -8.87
C MET B 324 13.51 -9.96 -7.91
N THR B 325 14.18 -8.85 -7.58
CA THR B 325 15.29 -8.92 -6.64
C THR B 325 14.83 -9.50 -5.30
N ASN B 326 13.65 -9.09 -4.85
CA ASN B 326 13.09 -9.57 -3.59
C ASN B 326 13.03 -11.09 -3.55
N THR B 327 12.71 -11.74 -4.68
CA THR B 327 12.55 -13.18 -4.79
C THR B 327 13.72 -13.87 -5.50
N GLY B 328 14.89 -13.23 -5.52
CA GLY B 328 16.13 -13.94 -5.76
C GLY B 328 16.82 -13.73 -7.11
N GLY B 329 16.26 -12.93 -8.01
CA GLY B 329 16.91 -12.68 -9.27
C GLY B 329 15.96 -12.25 -10.35
N GLY B 330 16.52 -11.91 -11.50
CA GLY B 330 15.77 -11.37 -12.60
C GLY B 330 15.80 -9.85 -12.58
N ASP B 331 15.04 -9.24 -13.49
CA ASP B 331 15.13 -7.79 -13.65
C ASP B 331 13.98 -7.33 -14.54
N ALA B 332 13.79 -6.02 -14.62
CA ALA B 332 13.04 -5.40 -15.70
C ALA B 332 14.09 -4.92 -16.70
N TYR B 333 14.22 -5.66 -17.78
CA TYR B 333 15.26 -5.40 -18.75
C TYR B 333 14.89 -4.24 -19.69
N THR B 334 15.91 -3.68 -20.32
CA THR B 334 15.74 -2.51 -21.17
C THR B 334 15.49 -2.88 -22.63
N PHE B 335 14.87 -1.95 -23.34
CA PHE B 335 14.69 -2.13 -24.78
C PHE B 335 16.02 -2.46 -25.43
N GLN B 336 17.08 -1.78 -25.01
CA GLN B 336 18.39 -1.97 -25.62
C GLN B 336 18.90 -3.39 -25.39
N GLU B 337 18.64 -3.95 -24.21
CA GLU B 337 19.03 -5.33 -23.93
C GLU B 337 18.26 -6.31 -24.81
N TYR B 338 16.95 -6.14 -24.92
CA TYR B 338 16.19 -7.00 -25.81
C TYR B 338 16.70 -6.92 -27.25
N GLU B 339 17.05 -5.72 -27.72
CA GLU B 339 17.55 -5.61 -29.09
C GLU B 339 18.88 -6.34 -29.26
N GLU B 340 19.74 -6.30 -28.24
CA GLU B 340 20.96 -7.09 -28.26
C GLU B 340 20.65 -8.57 -28.40
N TRP B 341 19.69 -9.07 -27.60
CA TRP B 341 19.35 -10.48 -27.65
C TRP B 341 18.72 -10.84 -28.99
N PHE B 342 17.82 -9.99 -29.49
CA PHE B 342 17.26 -10.23 -30.82
C PHE B 342 18.37 -10.36 -31.86
N THR B 343 19.30 -9.40 -31.87
CA THR B 343 20.36 -9.41 -32.86
C THR B 343 21.20 -10.68 -32.77
N ALA B 344 21.55 -11.09 -31.54
CA ALA B 344 22.33 -12.30 -31.36
C ALA B 344 21.60 -13.52 -31.91
N ALA B 345 20.27 -13.49 -31.92
CA ALA B 345 19.46 -14.61 -32.39
C ALA B 345 19.07 -14.49 -33.85
N GLY B 346 19.55 -13.45 -34.54
CA GLY B 346 19.18 -13.26 -35.94
C GLY B 346 17.79 -12.71 -36.12
N LEU B 347 17.22 -12.11 -35.07
CA LEU B 347 15.89 -11.53 -35.09
C LEU B 347 16.00 -10.02 -35.14
N GLN B 348 14.89 -9.39 -35.50
CA GLN B 348 14.82 -7.93 -35.54
C GLN B 348 13.50 -7.48 -34.94
N ARG B 349 13.56 -6.54 -34.00
N ARG B 349 13.58 -6.53 -34.01
CA ARG B 349 12.33 -6.00 -33.46
CA ARG B 349 12.39 -5.87 -33.48
C ARG B 349 11.61 -5.16 -34.51
C ARG B 349 11.63 -5.18 -34.61
N ILE B 350 10.32 -5.42 -34.67
CA ILE B 350 9.48 -4.73 -35.64
C ILE B 350 8.35 -3.91 -35.02
N GLU B 351 7.95 -4.17 -33.77
N GLU B 351 7.99 -4.12 -33.75
CA GLU B 351 6.84 -3.48 -33.15
CA GLU B 351 6.90 -3.37 -33.17
C GLU B 351 7.07 -3.40 -31.65
C GLU B 351 7.00 -3.41 -31.66
N THR B 352 6.52 -2.35 -31.03
CA THR B 352 6.42 -2.23 -29.59
C THR B 352 5.01 -1.73 -29.31
N LEU B 353 4.24 -2.47 -28.52
CA LEU B 353 2.86 -2.16 -28.21
C LEU B 353 2.71 -2.00 -26.70
N ASP B 354 1.98 -0.97 -26.28
CA ASP B 354 1.69 -0.77 -24.87
C ASP B 354 0.45 -1.56 -24.45
N THR B 355 0.49 -2.09 -23.22
CA THR B 355 -0.65 -2.73 -22.56
C THR B 355 -0.76 -2.12 -21.16
N PRO B 356 -1.78 -2.48 -20.37
CA PRO B 356 -1.95 -1.76 -19.08
C PRO B 356 -0.73 -1.74 -18.16
N MET B 357 0.03 -2.86 -18.08
CA MET B 357 1.17 -2.96 -17.17
C MET B 357 2.40 -3.56 -17.83
N HIS B 358 2.38 -3.72 -19.15
CA HIS B 358 3.45 -4.36 -19.88
C HIS B 358 3.68 -3.64 -21.20
N ARG B 359 4.72 -4.06 -21.90
CA ARG B 359 4.90 -3.83 -23.32
C ARG B 359 5.00 -5.17 -24.03
N ILE B 360 4.53 -5.20 -25.28
CA ILE B 360 4.73 -6.30 -26.20
C ILE B 360 5.81 -5.89 -27.19
N LEU B 361 6.88 -6.67 -27.29
CA LEU B 361 7.84 -6.51 -28.35
C LEU B 361 7.64 -7.64 -29.34
N LEU B 362 7.53 -7.31 -30.62
CA LEU B 362 7.44 -8.31 -31.67
C LEU B 362 8.73 -8.28 -32.47
N ALA B 363 9.20 -9.46 -32.83
CA ALA B 363 10.43 -9.59 -33.59
C ALA B 363 10.27 -10.70 -34.61
N ARG B 364 11.00 -10.58 -35.72
CA ARG B 364 10.96 -11.59 -36.77
C ARG B 364 12.38 -11.81 -37.28
N ARG B 365 12.56 -12.93 -37.97
CA ARG B 365 13.90 -13.28 -38.45
C ARG B 365 14.34 -12.26 -39.49
N ALA B 366 15.56 -11.78 -39.33
CA ALA B 366 16.20 -10.96 -40.36
C ALA B 366 16.99 -11.79 -41.34
N THR B 367 17.59 -12.88 -40.84
CA THR B 367 18.36 -13.87 -41.59
C THR B 367 19.31 -14.57 -40.59
#